data_8HPJ
#
_entry.id   8HPJ
#
_cell.length_a   76.870
_cell.length_b   181.670
_cell.length_c   81.170
_cell.angle_alpha   90.000
_cell.angle_beta   111.365
_cell.angle_gamma   90.000
#
_symmetry.space_group_name_H-M   'P 1 21 1'
#
loop_
_entity.id
_entity.type
_entity.pdbx_description
1 polymer 'Oxalate:formate antiporter'
2 polymer 'Fv fragment Heavy chain'
3 polymer 'Fv fragment Light chain'
#
loop_
_entity_poly.entity_id
_entity_poly.type
_entity_poly.pdbx_seq_one_letter_code
_entity_poly.pdbx_strand_id
1 'polypeptide(L)'
;MNNPQTGQSTGLLGNRWFYLVLAVLLMCMISGVQYSWTLYANPVKDNLGVSLAAVQTAFTLSQVIQAGSQPGGGYFVDKF
GPRIPLMFGGAMVLAGWTFMGMVDSVPALYALYTLAGAGVGIVYGIAMNTANRWFPDKRGLASGFTAAGYGLGVLPFLPL
ISSVLKVEGVGAAFMYTGLIMGILIILIAFVIRFPGQQGAKKQIVVTDKDFNSGEMLRTPQFWVLWTAFFSVNFGGLLLV
ANSVPYGRSLGLAAGVLTIGVSIQNLFNGGCRPFWGFVSDKIGRYKTMSVVFGINAVVLALFPTIAALGDVAFIAMLAIA
FFTWGGSYALFPSTNSDIFGTAYSARNYGFFWAAKATASIFGGGLGAAIATNFGWNTAFLITAITSFIAFALATFVIPRM
GRPVKKMVKLSPEEKAVHHHHHHHHHH
;
A,D
2 'polypeptide(L)'
;LEVMLVESGGGLVKPGGSLKLSCAASGFTFSNYAMSWVRQTPEKRLEWVALISSGGYTYYPDSVKGRFTISRDKARNILH
LQMSSLRSEDTAMYFCARGPYDFDDGPPFGNWGQGTLVTVSAAKTTAPSVTSENLYFQ
;
B,E
3 'polypeptide(L)'
;ELDIVLTQSQKFMSTSVGDRVSVTCKASQNVGTNVAWYQQKPGQSPKALIYSASYRYSGVPDRFTGSGSGTDFTLTISNV
QSEDLAEYFCQQYNSYPLTFGAGTKLELKTSENLYFQ
;
C,F
#
# COMPACT_ATOMS: atom_id res chain seq x y z
N GLY A 11 -44.75 29.02 38.02
CA GLY A 11 -44.20 29.50 36.76
C GLY A 11 -44.73 30.86 36.34
N LEU A 12 -45.07 31.68 37.33
CA LEU A 12 -45.59 33.02 37.06
C LEU A 12 -44.46 34.01 36.85
N LEU A 13 -44.81 35.15 36.26
CA LEU A 13 -43.85 36.23 36.07
C LEU A 13 -43.77 37.05 37.35
N GLY A 14 -42.56 37.22 37.88
CA GLY A 14 -42.32 37.85 39.16
C GLY A 14 -41.64 36.95 40.17
N ASN A 15 -41.85 35.63 40.05
CA ASN A 15 -41.12 34.70 40.87
C ASN A 15 -39.66 34.63 40.42
N ARG A 16 -38.74 34.74 41.38
CA ARG A 16 -37.32 34.77 41.07
C ARG A 16 -36.84 33.47 40.44
N TRP A 17 -37.40 32.34 40.86
CA TRP A 17 -36.90 31.06 40.37
C TRP A 17 -37.29 30.82 38.92
N PHE A 18 -38.40 31.41 38.47
CA PHE A 18 -38.75 31.31 37.06
C PHE A 18 -37.66 31.92 36.19
N TYR A 19 -37.18 33.10 36.58
CA TYR A 19 -36.12 33.76 35.81
C TYR A 19 -34.78 33.06 35.99
N LEU A 20 -34.54 32.43 37.15
CA LEU A 20 -33.35 31.60 37.28
C LEU A 20 -33.39 30.43 36.30
N VAL A 21 -34.54 29.77 36.18
CA VAL A 21 -34.68 28.67 35.23
C VAL A 21 -34.48 29.17 33.81
N LEU A 22 -35.02 30.35 33.49
CA LEU A 22 -34.85 30.90 32.14
C LEU A 22 -33.39 31.21 31.84
N ALA A 23 -32.66 31.75 32.83
CA ALA A 23 -31.23 32.01 32.63
C ALA A 23 -30.47 30.71 32.41
N VAL A 24 -30.80 29.66 33.18
CA VAL A 24 -30.14 28.37 32.98
C VAL A 24 -30.44 27.82 31.59
N LEU A 25 -31.68 28.00 31.13
CA LEU A 25 -32.04 27.56 29.79
C LEU A 25 -31.24 28.31 28.72
N LEU A 26 -31.08 29.62 28.89
CA LEU A 26 -30.26 30.39 27.96
C LEU A 26 -28.82 29.89 27.93
N MET A 27 -28.27 29.60 29.11
CA MET A 27 -26.91 29.06 29.16
C MET A 27 -26.81 27.73 28.43
N CYS A 28 -27.80 26.84 28.64
CA CYS A 28 -27.80 25.56 27.95
C CYS A 28 -27.95 25.74 26.44
N MET A 29 -28.67 26.77 26.01
CA MET A 29 -28.87 27.00 24.59
C MET A 29 -27.63 27.58 23.92
N ILE A 30 -26.84 28.38 24.65
CA ILE A 30 -25.62 28.94 24.07
C ILE A 30 -24.38 28.09 24.29
N SER A 31 -24.48 27.05 25.12
CA SER A 31 -23.35 26.16 25.33
C SER A 31 -22.94 25.39 24.08
N GLY A 32 -23.86 25.25 23.12
CA GLY A 32 -23.57 24.49 21.91
C GLY A 32 -22.43 25.05 21.09
N VAL A 33 -22.28 26.37 21.06
CA VAL A 33 -21.22 26.98 20.27
C VAL A 33 -19.85 26.53 20.77
N GLN A 34 -19.64 26.56 22.09
CA GLN A 34 -18.34 26.21 22.63
C GLN A 34 -18.13 24.69 22.70
N TYR A 35 -19.10 23.94 23.23
CA TYR A 35 -18.84 22.53 23.53
C TYR A 35 -19.23 21.55 22.43
N SER A 36 -19.82 22.00 21.33
CA SER A 36 -20.07 21.12 20.19
C SER A 36 -19.00 21.22 19.12
N TRP A 37 -17.98 22.05 19.32
CA TRP A 37 -17.04 22.37 18.25
C TRP A 37 -16.20 21.16 17.85
N THR A 38 -15.90 20.26 18.78
CA THR A 38 -15.06 19.12 18.46
C THR A 38 -15.68 18.25 17.36
N LEU A 39 -17.00 18.07 17.40
CA LEU A 39 -17.65 17.26 16.38
C LEU A 39 -17.61 17.93 15.01
N TYR A 40 -17.81 19.24 14.94
CA TYR A 40 -17.84 19.90 13.64
C TYR A 40 -16.45 20.21 13.10
N ALA A 41 -15.40 20.13 13.92
CA ALA A 41 -14.09 20.59 13.49
C ALA A 41 -13.60 19.82 12.27
N ASN A 42 -13.62 18.48 12.33
CA ASN A 42 -13.10 17.68 11.22
C ASN A 42 -13.97 17.77 9.97
N PRO A 43 -15.30 17.60 10.03
CA PRO A 43 -16.09 17.68 8.78
C PRO A 43 -16.00 19.04 8.10
N VAL A 44 -16.04 20.13 8.86
CA VAL A 44 -15.89 21.45 8.27
C VAL A 44 -14.53 21.61 7.62
N LYS A 45 -13.49 21.10 8.29
CA LYS A 45 -12.14 21.14 7.73
C LYS A 45 -12.07 20.38 6.40
N ASP A 46 -12.79 19.25 6.30
CA ASP A 46 -12.68 18.42 5.10
C ASP A 46 -13.06 19.18 3.84
N ASN A 47 -14.00 20.13 3.94
CA ASN A 47 -14.33 20.96 2.78
C ASN A 47 -13.25 22.01 2.52
N LEU A 48 -12.49 22.39 3.55
CA LEU A 48 -11.55 23.50 3.51
C LEU A 48 -10.11 22.98 3.62
N GLY A 49 -9.18 23.88 3.89
CA GLY A 49 -7.77 23.55 3.97
C GLY A 49 -7.32 22.96 5.28
N VAL A 50 -6.21 23.48 5.81
CA VAL A 50 -5.53 22.87 6.96
C VAL A 50 -6.45 22.81 8.17
N SER A 51 -6.36 21.69 8.91
CA SER A 51 -7.12 21.55 10.15
C SER A 51 -6.72 22.58 11.18
N LEU A 52 -5.46 22.51 11.63
CA LEU A 52 -5.00 23.35 12.74
C LEU A 52 -5.20 24.83 12.47
N ALA A 53 -5.06 25.25 11.22
CA ALA A 53 -5.22 26.67 10.90
C ALA A 53 -6.69 27.10 10.87
N ALA A 54 -7.47 26.58 9.91
CA ALA A 54 -8.74 27.20 9.56
C ALA A 54 -9.75 27.10 10.69
N VAL A 55 -10.14 25.88 11.05
CA VAL A 55 -11.25 25.70 11.99
C VAL A 55 -10.84 26.15 13.38
N GLN A 56 -9.59 25.91 13.77
CA GLN A 56 -9.16 26.28 15.11
C GLN A 56 -8.99 27.79 15.24
N THR A 57 -8.55 28.47 14.18
CA THR A 57 -8.51 29.93 14.24
C THR A 57 -9.91 30.52 14.22
N ALA A 58 -10.85 29.88 13.53
CA ALA A 58 -12.25 30.32 13.60
C ALA A 58 -12.77 30.22 15.03
N PHE A 59 -12.51 29.09 15.70
CA PHE A 59 -12.93 28.94 17.08
C PHE A 59 -12.23 29.96 17.98
N THR A 60 -10.95 30.21 17.75
CA THR A 60 -10.21 31.17 18.56
C THR A 60 -10.77 32.58 18.39
N LEU A 61 -11.11 32.97 17.16
CA LEU A 61 -11.71 34.27 16.93
C LEU A 61 -13.08 34.36 17.60
N SER A 62 -13.88 33.28 17.52
CA SER A 62 -15.17 33.27 18.18
C SER A 62 -15.04 33.41 19.69
N GLN A 63 -13.97 32.85 20.26
CA GLN A 63 -13.76 33.00 21.70
C GLN A 63 -13.23 34.38 22.06
N VAL A 64 -12.39 34.96 21.20
CA VAL A 64 -11.78 36.25 21.52
C VAL A 64 -12.79 37.39 21.38
N ILE A 65 -13.68 37.30 20.39
CA ILE A 65 -14.64 38.38 20.14
C ILE A 65 -15.55 38.61 21.35
N GLN A 66 -15.68 37.61 22.24
CA GLN A 66 -16.52 37.79 23.42
C GLN A 66 -16.00 38.89 24.33
N ALA A 67 -14.69 39.14 24.33
CA ALA A 67 -14.11 40.18 25.19
C ALA A 67 -14.65 41.56 24.86
N GLY A 68 -15.13 41.78 23.64
CA GLY A 68 -15.77 43.04 23.31
C GLY A 68 -17.27 42.89 23.19
N SER A 69 -17.73 41.66 22.94
CA SER A 69 -19.16 41.42 22.80
C SER A 69 -19.89 41.55 24.13
N GLN A 70 -19.38 40.90 25.19
CA GLN A 70 -20.09 40.85 26.45
C GLN A 70 -20.13 42.21 27.16
N PRO A 71 -19.05 43.01 27.15
CA PRO A 71 -19.16 44.34 27.76
C PRO A 71 -20.21 45.24 27.13
N GLY A 72 -20.29 45.30 25.80
CA GLY A 72 -21.31 46.12 25.17
C GLY A 72 -22.72 45.62 25.42
N GLY A 73 -22.92 44.31 25.32
CA GLY A 73 -24.21 43.75 25.66
C GLY A 73 -24.60 44.02 27.10
N GLY A 74 -23.63 43.99 28.01
CA GLY A 74 -23.91 44.32 29.39
C GLY A 74 -24.25 45.78 29.59
N TYR A 75 -23.58 46.67 28.85
CA TYR A 75 -23.94 48.08 28.84
C TYR A 75 -25.40 48.26 28.45
N PHE A 76 -25.79 47.66 27.33
CA PHE A 76 -27.16 47.81 26.85
C PHE A 76 -28.16 47.13 27.77
N VAL A 77 -27.75 46.06 28.47
CA VAL A 77 -28.64 45.41 29.43
C VAL A 77 -28.86 46.30 30.64
N ASP A 78 -27.77 46.82 31.23
CA ASP A 78 -27.91 47.71 32.37
C ASP A 78 -28.72 48.96 32.03
N LYS A 79 -28.65 49.42 30.78
CA LYS A 79 -29.40 50.62 30.44
C LYS A 79 -30.86 50.30 30.08
N PHE A 80 -31.08 49.44 29.09
CA PHE A 80 -32.39 49.26 28.49
C PHE A 80 -33.03 47.91 28.84
N GLY A 81 -32.58 47.27 29.91
CA GLY A 81 -33.08 45.97 30.29
C GLY A 81 -32.51 44.85 29.44
N PRO A 82 -32.90 43.60 29.72
CA PRO A 82 -32.33 42.46 29.00
C PRO A 82 -33.07 42.01 27.75
N ARG A 83 -34.29 42.51 27.51
CA ARG A 83 -35.12 41.97 26.44
C ARG A 83 -34.49 42.18 25.07
N ILE A 84 -34.31 43.44 24.67
CA ILE A 84 -33.76 43.74 23.35
C ILE A 84 -32.33 43.21 23.20
N PRO A 85 -31.43 43.39 24.17
CA PRO A 85 -30.09 42.79 23.99
C PRO A 85 -30.11 41.28 23.85
N LEU A 86 -31.01 40.59 24.57
CA LEU A 86 -31.08 39.14 24.42
C LEU A 86 -31.62 38.76 23.05
N MET A 87 -32.58 39.55 22.54
CA MET A 87 -33.05 39.35 21.17
C MET A 87 -31.91 39.49 20.18
N PHE A 88 -31.10 40.54 20.33
CA PHE A 88 -29.99 40.77 19.43
C PHE A 88 -28.97 39.63 19.51
N GLY A 89 -28.63 39.19 20.73
CA GLY A 89 -27.69 38.11 20.88
C GLY A 89 -28.18 36.81 20.27
N GLY A 90 -29.46 36.51 20.46
CA GLY A 90 -30.03 35.31 19.86
C GLY A 90 -30.03 35.37 18.35
N ALA A 91 -30.38 36.53 17.79
CA ALA A 91 -30.33 36.69 16.33
C ALA A 91 -28.91 36.54 15.81
N MET A 92 -27.93 37.05 16.56
CA MET A 92 -26.54 36.92 16.14
C MET A 92 -26.08 35.47 16.16
N VAL A 93 -26.42 34.74 17.23
CA VAL A 93 -26.11 33.31 17.29
C VAL A 93 -26.76 32.58 16.14
N LEU A 94 -28.02 32.90 15.86
CA LEU A 94 -28.73 32.30 14.73
C LEU A 94 -27.97 32.53 13.43
N ALA A 95 -27.78 33.79 13.06
CA ALA A 95 -27.20 34.14 11.77
C ALA A 95 -25.75 33.66 11.65
N GLY A 96 -25.05 33.48 12.76
CA GLY A 96 -23.69 33.00 12.67
C GLY A 96 -23.61 31.49 12.58
N TRP A 97 -24.21 30.78 13.54
CA TRP A 97 -24.06 29.35 13.64
C TRP A 97 -24.86 28.60 12.59
N THR A 98 -25.95 29.18 12.05
CA THR A 98 -26.78 28.44 11.11
C THR A 98 -26.05 28.13 9.81
N PHE A 99 -25.31 29.10 9.27
CA PHE A 99 -24.73 29.00 7.94
C PHE A 99 -23.25 28.63 7.96
N MET A 100 -22.71 28.21 9.10
CA MET A 100 -21.31 27.81 9.14
C MET A 100 -21.04 26.56 8.32
N GLY A 101 -22.07 25.75 8.06
CA GLY A 101 -21.95 24.59 7.20
C GLY A 101 -22.22 24.84 5.74
N MET A 102 -22.62 26.05 5.36
CA MET A 102 -22.94 26.38 3.97
C MET A 102 -22.01 27.42 3.37
N VAL A 103 -20.94 27.79 4.08
CA VAL A 103 -19.97 28.76 3.58
C VAL A 103 -18.89 28.02 2.80
N ASP A 104 -18.47 28.61 1.68
CA ASP A 104 -17.46 28.01 0.82
C ASP A 104 -16.08 28.63 1.01
N SER A 105 -15.97 29.73 1.74
CA SER A 105 -14.70 30.39 1.96
C SER A 105 -14.37 30.38 3.46
N VAL A 106 -13.07 30.36 3.75
CA VAL A 106 -12.58 30.37 5.12
C VAL A 106 -12.86 31.71 5.80
N PRO A 107 -12.63 32.87 5.17
CA PRO A 107 -12.99 34.14 5.83
C PRO A 107 -14.46 34.25 6.19
N ALA A 108 -15.36 33.71 5.36
CA ALA A 108 -16.78 33.71 5.70
C ALA A 108 -17.02 32.86 6.94
N LEU A 109 -16.33 31.72 7.05
CA LEU A 109 -16.42 30.90 8.25
C LEU A 109 -15.94 31.68 9.47
N TYR A 110 -14.83 32.42 9.33
CA TYR A 110 -14.35 33.25 10.43
C TYR A 110 -15.41 34.26 10.86
N ALA A 111 -15.99 34.96 9.88
CA ALA A 111 -16.97 36.01 10.19
C ALA A 111 -18.20 35.43 10.88
N LEU A 112 -18.72 34.33 10.36
CA LEU A 112 -19.92 33.74 10.95
C LEU A 112 -19.65 33.18 12.34
N TYR A 113 -18.49 32.55 12.53
CA TYR A 113 -18.17 32.02 13.85
C TYR A 113 -17.97 33.16 14.86
N THR A 114 -17.37 34.27 14.42
CA THR A 114 -17.25 35.42 15.32
C THR A 114 -18.61 35.99 15.67
N LEU A 115 -19.52 36.07 14.70
CA LEU A 115 -20.88 36.52 14.99
C LEU A 115 -21.55 35.64 16.03
N ALA A 116 -21.46 34.32 15.84
CA ALA A 116 -22.07 33.39 16.79
C ALA A 116 -21.44 33.50 18.17
N GLY A 117 -20.10 33.63 18.23
CA GLY A 117 -19.44 33.75 19.51
C GLY A 117 -19.79 35.03 20.23
N ALA A 118 -19.91 36.12 19.48
CA ALA A 118 -20.33 37.39 20.10
C ALA A 118 -21.75 37.28 20.66
N GLY A 119 -22.66 36.68 19.89
CA GLY A 119 -24.00 36.44 20.42
C GLY A 119 -23.98 35.59 21.67
N VAL A 120 -23.14 34.55 21.69
CA VAL A 120 -23.05 33.68 22.85
C VAL A 120 -22.54 34.44 24.07
N GLY A 121 -21.50 35.26 23.87
CA GLY A 121 -21.02 36.08 24.97
C GLY A 121 -22.09 37.02 25.51
N ILE A 122 -22.84 37.66 24.62
CA ILE A 122 -23.91 38.55 25.06
C ILE A 122 -24.94 37.79 25.89
N VAL A 123 -25.37 36.62 25.40
CA VAL A 123 -26.41 35.87 26.10
C VAL A 123 -25.89 35.36 27.44
N TYR A 124 -24.63 34.93 27.49
CA TYR A 124 -24.05 34.50 28.76
C TYR A 124 -24.05 35.63 29.77
N GLY A 125 -23.60 36.82 29.35
CA GLY A 125 -23.63 37.96 30.23
C GLY A 125 -25.03 38.29 30.71
N ILE A 126 -26.01 38.20 29.81
CA ILE A 126 -27.39 38.53 30.16
C ILE A 126 -27.93 37.54 31.18
N ALA A 127 -27.69 36.25 30.96
CA ALA A 127 -28.16 35.25 31.91
C ALA A 127 -27.50 35.42 33.27
N MET A 128 -26.19 35.68 33.29
CA MET A 128 -25.50 35.86 34.55
C MET A 128 -26.02 37.10 35.29
N ASN A 129 -26.25 38.19 34.57
CA ASN A 129 -26.74 39.41 35.21
C ASN A 129 -28.17 39.22 35.72
N THR A 130 -29.01 38.50 34.97
CA THR A 130 -30.35 38.21 35.45
C THR A 130 -30.32 37.37 36.71
N ALA A 131 -29.46 36.34 36.74
CA ALA A 131 -29.34 35.52 37.95
C ALA A 131 -28.86 36.35 39.13
N ASN A 132 -27.87 37.21 38.92
CA ASN A 132 -27.35 38.01 40.03
C ASN A 132 -28.38 39.03 40.52
N ARG A 133 -29.12 39.65 39.62
CA ARG A 133 -30.09 40.66 40.02
C ARG A 133 -31.28 40.03 40.74
N TRP A 134 -31.80 38.91 40.22
CA TRP A 134 -32.97 38.30 40.82
C TRP A 134 -32.67 37.56 42.11
N PHE A 135 -31.39 37.31 42.41
CA PHE A 135 -30.99 36.66 43.66
C PHE A 135 -29.82 37.41 44.27
N PRO A 136 -30.05 38.63 44.78
CA PRO A 136 -28.97 39.34 45.46
C PRO A 136 -28.49 38.67 46.74
N ASP A 137 -29.33 37.85 47.38
CA ASP A 137 -28.95 37.16 48.60
C ASP A 137 -28.33 35.80 48.35
N LYS A 138 -28.51 35.25 47.15
CA LYS A 138 -27.95 33.96 46.76
C LYS A 138 -27.27 34.09 45.40
N ARG A 139 -26.44 35.13 45.28
CA ARG A 139 -25.76 35.40 44.01
C ARG A 139 -24.86 34.24 43.61
N GLY A 140 -24.12 33.69 44.58
CA GLY A 140 -23.25 32.56 44.27
C GLY A 140 -24.02 31.37 43.73
N LEU A 141 -25.15 31.04 44.37
CA LEU A 141 -25.90 29.85 43.97
C LEU A 141 -26.51 30.02 42.58
N ALA A 142 -27.12 31.18 42.31
CA ALA A 142 -27.70 31.42 40.99
C ALA A 142 -26.63 31.46 39.92
N SER A 143 -25.51 32.12 40.19
CA SER A 143 -24.42 32.15 39.23
C SER A 143 -23.88 30.73 38.97
N GLY A 144 -23.80 29.91 40.02
CA GLY A 144 -23.36 28.54 39.83
C GLY A 144 -24.33 27.72 39.00
N PHE A 145 -25.63 27.90 39.23
CA PHE A 145 -26.61 27.17 38.43
C PHE A 145 -26.53 27.58 36.96
N THR A 146 -26.40 28.88 36.70
CA THR A 146 -26.29 29.33 35.30
C THR A 146 -25.01 28.84 34.65
N ALA A 147 -23.88 28.90 35.38
CA ALA A 147 -22.62 28.44 34.82
C ALA A 147 -22.64 26.94 34.59
N ALA A 148 -23.31 26.18 35.47
CA ALA A 148 -23.47 24.75 35.27
C ALA A 148 -24.33 24.46 34.04
N GLY A 149 -25.39 25.25 33.84
CA GLY A 149 -26.19 25.10 32.64
C GLY A 149 -25.39 25.37 31.39
N TYR A 150 -24.48 26.34 31.45
CA TYR A 150 -23.59 26.59 30.33
C TYR A 150 -22.57 25.47 30.16
N GLY A 151 -22.21 24.79 31.24
CA GLY A 151 -21.24 23.71 31.17
C GLY A 151 -21.82 22.39 30.70
N LEU A 152 -23.04 22.08 31.13
CA LEU A 152 -23.70 20.81 30.89
C LEU A 152 -24.77 20.90 29.79
N GLY A 153 -24.81 22.00 29.05
CA GLY A 153 -25.91 22.22 28.12
C GLY A 153 -26.03 21.15 27.05
N VAL A 154 -24.95 20.88 26.31
CA VAL A 154 -25.05 20.01 25.14
C VAL A 154 -24.83 18.54 25.44
N LEU A 155 -24.48 18.19 26.67
CA LEU A 155 -24.12 16.81 26.96
C LEU A 155 -25.22 15.81 26.60
N PRO A 156 -26.51 16.05 26.89
CA PRO A 156 -27.53 15.07 26.50
C PRO A 156 -27.63 14.84 25.00
N PHE A 157 -27.50 15.88 24.18
CA PHE A 157 -27.74 15.77 22.74
C PHE A 157 -26.45 15.66 21.94
N LEU A 158 -25.32 15.40 22.59
CA LEU A 158 -24.07 15.24 21.84
C LEU A 158 -24.11 14.02 20.93
N PRO A 159 -24.54 12.83 21.38
CA PRO A 159 -24.69 11.71 20.43
C PRO A 159 -25.67 11.98 19.31
N LEU A 160 -26.77 12.68 19.60
CA LEU A 160 -27.76 12.97 18.56
C LEU A 160 -27.16 13.84 17.46
N ILE A 161 -26.45 14.90 17.84
CA ILE A 161 -25.85 15.77 16.84
C ILE A 161 -24.71 15.05 16.13
N SER A 162 -24.03 14.11 16.80
CA SER A 162 -23.06 13.28 16.12
C SER A 162 -23.72 12.42 15.05
N SER A 163 -24.87 11.84 15.35
CA SER A 163 -25.61 11.06 14.37
C SER A 163 -26.05 11.92 13.19
N VAL A 164 -26.53 13.14 13.48
CA VAL A 164 -26.94 14.04 12.41
C VAL A 164 -25.76 14.37 11.50
N LEU A 165 -24.59 14.62 12.10
CA LEU A 165 -23.39 14.86 11.30
C LEU A 165 -23.02 13.65 10.45
N LYS A 166 -23.13 12.45 11.04
CA LYS A 166 -22.76 11.24 10.30
C LYS A 166 -23.68 11.00 9.12
N VAL A 167 -24.98 11.24 9.28
CA VAL A 167 -25.95 10.83 8.27
C VAL A 167 -26.29 11.99 7.32
N GLU A 168 -26.80 13.09 7.86
CA GLU A 168 -27.42 14.12 7.04
C GLU A 168 -26.45 15.20 6.57
N GLY A 169 -25.23 15.24 7.09
CA GLY A 169 -24.21 16.14 6.60
C GLY A 169 -23.88 17.23 7.62
N VAL A 170 -22.91 18.06 7.22
CA VAL A 170 -22.43 19.13 8.08
C VAL A 170 -23.32 20.37 7.99
N GLY A 171 -23.71 20.75 6.76
CA GLY A 171 -24.56 21.92 6.61
C GLY A 171 -25.90 21.74 7.27
N ALA A 172 -26.49 20.56 7.14
CA ALA A 172 -27.79 20.29 7.78
C ALA A 172 -27.67 20.37 9.29
N ALA A 173 -26.61 19.81 9.87
CA ALA A 173 -26.44 19.85 11.32
C ALA A 173 -26.25 21.28 11.81
N PHE A 174 -25.38 22.04 11.14
CA PHE A 174 -25.20 23.45 11.50
C PHE A 174 -26.53 24.20 11.41
N MET A 175 -27.28 23.96 10.34
CA MET A 175 -28.54 24.66 10.12
C MET A 175 -29.54 24.36 11.22
N TYR A 176 -29.73 23.07 11.52
CA TYR A 176 -30.67 22.68 12.58
C TYR A 176 -30.27 23.29 13.91
N THR A 177 -28.99 23.15 14.30
CA THR A 177 -28.57 23.63 15.60
C THR A 177 -28.69 25.14 15.71
N GLY A 178 -28.24 25.87 14.67
CA GLY A 178 -28.35 27.32 14.70
C GLY A 178 -29.79 27.79 14.78
N LEU A 179 -30.68 27.17 14.00
CA LEU A 179 -32.08 27.57 14.05
C LEU A 179 -32.68 27.33 15.43
N ILE A 180 -32.43 26.14 16.00
CA ILE A 180 -32.98 25.83 17.31
C ILE A 180 -32.46 26.82 18.35
N MET A 181 -31.15 27.05 18.37
CA MET A 181 -30.56 27.95 19.37
C MET A 181 -31.14 29.36 19.22
N GLY A 182 -31.13 29.90 18.01
CA GLY A 182 -31.61 31.26 17.81
C GLY A 182 -33.08 31.41 18.19
N ILE A 183 -33.92 30.47 17.74
CA ILE A 183 -35.34 30.58 18.00
C ILE A 183 -35.62 30.48 19.50
N LEU A 184 -34.96 29.54 20.19
CA LEU A 184 -35.22 29.39 21.61
C LEU A 184 -34.73 30.59 22.41
N ILE A 185 -33.56 31.12 22.07
CA ILE A 185 -33.05 32.30 22.76
C ILE A 185 -33.99 33.49 22.55
N ILE A 186 -34.45 33.69 21.31
CA ILE A 186 -35.32 34.82 21.01
C ILE A 186 -36.66 34.67 21.72
N LEU A 187 -37.18 33.44 21.79
CA LEU A 187 -38.44 33.22 22.49
C LEU A 187 -38.29 33.45 23.99
N ILE A 188 -37.13 33.11 24.57
CA ILE A 188 -36.90 33.44 25.97
C ILE A 188 -36.77 34.95 26.14
N ALA A 189 -36.26 35.65 25.13
CA ALA A 189 -36.06 37.09 25.24
C ALA A 189 -37.37 37.83 25.47
N PHE A 190 -38.49 37.31 24.96
CA PHE A 190 -39.77 37.95 25.16
C PHE A 190 -40.21 37.93 26.62
N VAL A 191 -39.72 36.98 27.41
CA VAL A 191 -40.29 36.69 28.72
C VAL A 191 -39.48 37.33 29.85
N ILE A 192 -38.15 37.21 29.81
CA ILE A 192 -37.34 37.62 30.95
C ILE A 192 -37.46 39.12 31.18
N ARG A 193 -37.31 39.51 32.44
CA ARG A 193 -37.35 40.91 32.82
C ARG A 193 -36.55 41.09 34.10
N PHE A 194 -36.21 42.33 34.38
CA PHE A 194 -35.49 42.66 35.60
C PHE A 194 -36.46 43.04 36.71
N PRO A 195 -35.99 43.02 37.96
CA PRO A 195 -36.89 43.41 39.07
C PRO A 195 -37.49 44.80 38.96
N GLY A 196 -36.78 45.77 38.38
CA GLY A 196 -37.36 47.09 38.19
C GLY A 196 -37.55 47.59 36.77
N ILE A 204 -31.85 55.04 36.01
CA ILE A 204 -31.01 54.21 36.87
C ILE A 204 -30.61 55.02 38.11
N VAL A 205 -30.38 54.32 39.22
CA VAL A 205 -30.04 54.95 40.49
C VAL A 205 -28.59 54.63 40.81
N VAL A 206 -27.70 55.60 40.56
CA VAL A 206 -26.29 55.44 40.89
C VAL A 206 -26.10 55.69 42.38
N THR A 207 -25.39 54.77 43.04
CA THR A 207 -25.10 54.87 44.46
C THR A 207 -23.59 55.03 44.66
N ASP A 208 -23.18 55.21 45.92
CA ASP A 208 -21.77 55.41 46.22
C ASP A 208 -20.94 54.19 45.87
N LYS A 209 -21.45 52.99 46.17
CA LYS A 209 -20.74 51.75 45.90
C LYS A 209 -20.96 51.22 44.49
N ASP A 210 -21.82 51.86 43.71
CA ASP A 210 -22.11 51.43 42.34
C ASP A 210 -21.08 52.07 41.41
N PHE A 211 -20.24 51.25 40.80
CA PHE A 211 -19.13 51.71 39.97
C PHE A 211 -19.46 51.64 38.50
N ASN A 212 -18.96 52.63 37.76
CA ASN A 212 -18.99 52.56 36.31
C ASN A 212 -17.84 51.70 35.80
N SER A 213 -17.97 51.22 34.58
CA SER A 213 -16.95 50.35 34.02
C SER A 213 -15.60 51.08 33.96
N GLY A 214 -15.60 52.31 33.46
CA GLY A 214 -14.38 53.11 33.48
C GLY A 214 -13.89 53.38 34.88
N GLU A 215 -14.81 53.64 35.81
CA GLU A 215 -14.43 53.82 37.21
C GLU A 215 -13.89 52.53 37.81
N MET A 216 -14.47 51.38 37.43
CA MET A 216 -13.96 50.11 37.89
C MET A 216 -12.53 49.87 37.40
N LEU A 217 -12.25 50.24 36.15
CA LEU A 217 -10.94 50.00 35.56
C LEU A 217 -9.83 50.81 36.23
N ARG A 218 -10.14 51.55 37.30
CA ARG A 218 -9.15 52.31 38.04
C ARG A 218 -8.74 51.66 39.35
N THR A 219 -9.51 50.69 39.83
CA THR A 219 -9.21 50.10 41.13
C THR A 219 -8.21 48.94 40.98
N PRO A 220 -7.31 48.78 41.95
CA PRO A 220 -6.41 47.61 41.90
C PRO A 220 -7.11 46.30 42.17
N GLN A 221 -8.23 46.32 42.90
CA GLN A 221 -8.96 45.09 43.18
C GLN A 221 -9.44 44.43 41.90
N PHE A 222 -9.96 45.23 40.97
CA PHE A 222 -10.39 44.70 39.68
C PHE A 222 -9.25 43.98 38.98
N TRP A 223 -8.06 44.58 38.96
CA TRP A 223 -6.95 43.99 38.23
C TRP A 223 -6.41 42.75 38.93
N VAL A 224 -6.40 42.73 40.26
CA VAL A 224 -6.01 41.52 40.98
C VAL A 224 -6.96 40.37 40.65
N LEU A 225 -8.27 40.64 40.73
CA LEU A 225 -9.25 39.61 40.38
C LEU A 225 -9.10 39.20 38.92
N TRP A 226 -8.78 40.16 38.05
CA TRP A 226 -8.63 39.87 36.63
C TRP A 226 -7.44 38.94 36.38
N THR A 227 -6.31 39.22 37.01
CA THR A 227 -5.15 38.35 36.85
C THR A 227 -5.41 36.97 37.43
N ALA A 228 -6.12 36.90 38.57
CA ALA A 228 -6.46 35.60 39.14
C ALA A 228 -7.34 34.80 38.18
N PHE A 229 -8.36 35.45 37.61
CA PHE A 229 -9.26 34.77 36.69
C PHE A 229 -8.54 34.36 35.41
N PHE A 230 -7.67 35.22 34.90
CA PHE A 230 -6.92 34.90 33.69
C PHE A 230 -5.98 33.72 33.92
N SER A 231 -5.30 33.70 35.07
CA SER A 231 -4.44 32.57 35.38
C SER A 231 -5.24 31.29 35.55
N VAL A 232 -6.42 31.38 36.16
CA VAL A 232 -7.27 30.20 36.32
C VAL A 232 -7.67 29.66 34.96
N ASN A 233 -8.09 30.55 34.05
CA ASN A 233 -8.50 30.12 32.72
C ASN A 233 -7.32 29.54 31.93
N PHE A 234 -6.15 30.17 32.06
CA PHE A 234 -4.95 29.68 31.38
C PHE A 234 -4.59 28.28 31.84
N GLY A 235 -4.52 28.07 33.16
CA GLY A 235 -4.25 26.74 33.68
C GLY A 235 -5.32 25.73 33.33
N GLY A 236 -6.59 26.16 33.30
CA GLY A 236 -7.67 25.26 32.96
C GLY A 236 -7.62 24.78 31.53
N LEU A 237 -7.23 25.66 30.60
CA LEU A 237 -7.09 25.23 29.21
C LEU A 237 -6.12 24.06 29.09
N LEU A 238 -4.94 24.19 29.70
CA LEU A 238 -3.96 23.12 29.66
C LEU A 238 -4.37 21.92 30.50
N LEU A 239 -5.19 22.13 31.53
CA LEU A 239 -5.65 21.01 32.33
C LEU A 239 -6.62 20.15 31.54
N VAL A 240 -7.58 20.78 30.86
CA VAL A 240 -8.52 20.04 30.02
C VAL A 240 -7.79 19.40 28.84
N ALA A 241 -6.84 20.14 28.24
CA ALA A 241 -6.13 19.61 27.08
C ALA A 241 -5.24 18.42 27.43
N ASN A 242 -4.68 18.38 28.63
CA ASN A 242 -3.69 17.38 28.98
C ASN A 242 -4.21 16.27 29.88
N SER A 243 -5.40 16.40 30.47
CA SER A 243 -5.84 15.42 31.45
C SER A 243 -6.07 14.05 30.83
N VAL A 244 -7.04 13.96 29.92
CA VAL A 244 -7.36 12.67 29.31
C VAL A 244 -6.21 12.12 28.49
N PRO A 245 -5.52 12.90 27.64
CA PRO A 245 -4.36 12.34 26.94
C PRO A 245 -3.29 11.80 27.87
N TYR A 246 -3.11 12.37 29.06
CA TYR A 246 -2.18 11.77 30.02
C TYR A 246 -2.68 10.39 30.45
N GLY A 247 -3.99 10.25 30.67
CA GLY A 247 -4.54 8.95 30.98
C GLY A 247 -4.33 7.94 29.87
N ARG A 248 -4.38 8.40 28.61
CA ARG A 248 -4.07 7.52 27.50
C ARG A 248 -2.58 7.17 27.47
N SER A 249 -1.72 8.13 27.84
CA SER A 249 -0.29 7.87 27.89
C SER A 249 0.08 6.88 28.99
N LEU A 250 -0.71 6.85 30.07
CA LEU A 250 -0.48 5.85 31.11
C LEU A 250 -0.76 4.44 30.61
N GLY A 251 -1.65 4.29 29.64
CA GLY A 251 -2.04 3.00 29.14
C GLY A 251 -3.37 2.49 29.64
N LEU A 252 -4.22 3.37 30.19
CA LEU A 252 -5.50 2.94 30.72
C LEU A 252 -6.42 2.51 29.59
N ALA A 253 -7.43 1.70 29.96
CA ALA A 253 -8.38 1.22 28.99
C ALA A 253 -9.20 2.37 28.41
N ALA A 254 -9.76 2.15 27.22
CA ALA A 254 -10.52 3.19 26.55
C ALA A 254 -11.82 3.52 27.30
N GLY A 255 -12.46 2.50 27.87
CA GLY A 255 -13.63 2.76 28.68
C GLY A 255 -13.33 3.63 29.89
N VAL A 256 -12.16 3.41 30.50
CA VAL A 256 -11.72 4.26 31.60
C VAL A 256 -11.57 5.70 31.13
N LEU A 257 -11.07 5.89 29.91
CA LEU A 257 -10.88 7.25 29.40
C LEU A 257 -12.21 7.92 29.09
N THR A 258 -13.19 7.15 28.57
CA THR A 258 -14.52 7.70 28.35
C THR A 258 -15.17 8.10 29.67
N ILE A 259 -15.05 7.24 30.68
CA ILE A 259 -15.55 7.57 32.01
C ILE A 259 -14.87 8.82 32.55
N GLY A 260 -13.57 8.95 32.29
CA GLY A 260 -12.85 10.14 32.74
C GLY A 260 -13.33 11.40 32.06
N VAL A 261 -13.59 11.34 30.75
CA VAL A 261 -14.13 12.50 30.03
C VAL A 261 -15.48 12.89 30.62
N SER A 262 -16.35 11.90 30.83
CA SER A 262 -17.67 12.18 31.37
C SER A 262 -17.57 12.76 32.78
N ILE A 263 -16.65 12.23 33.59
CA ILE A 263 -16.46 12.74 34.95
C ILE A 263 -15.96 14.18 34.92
N GLN A 264 -14.99 14.47 34.04
CA GLN A 264 -14.52 15.84 33.87
C GLN A 264 -15.68 16.78 33.58
N ASN A 265 -16.48 16.45 32.58
CA ASN A 265 -17.59 17.34 32.22
C ASN A 265 -18.59 17.48 33.36
N LEU A 266 -18.98 16.35 33.95
CA LEU A 266 -20.02 16.36 34.98
C LEU A 266 -19.58 17.14 36.20
N PHE A 267 -18.33 16.96 36.64
CA PHE A 267 -17.88 17.66 37.84
C PHE A 267 -17.59 19.13 37.56
N ASN A 268 -17.00 19.45 36.40
CA ASN A 268 -16.83 20.84 36.01
C ASN A 268 -18.16 21.57 35.97
N GLY A 269 -19.23 20.88 35.61
CA GLY A 269 -20.54 21.49 35.69
C GLY A 269 -21.09 21.59 37.09
N GLY A 270 -21.09 20.48 37.83
CA GLY A 270 -21.78 20.41 39.12
C GLY A 270 -21.09 21.14 40.25
N CYS A 271 -19.78 21.41 40.13
CA CYS A 271 -19.10 22.09 41.21
C CYS A 271 -19.49 23.56 41.32
N ARG A 272 -20.04 24.13 40.24
CA ARG A 272 -20.30 25.58 40.23
C ARG A 272 -21.40 26.00 41.18
N PRO A 273 -22.60 25.38 41.19
CA PRO A 273 -23.58 25.76 42.22
C PRO A 273 -23.12 25.45 43.64
N PHE A 274 -22.39 24.34 43.81
CA PHE A 274 -21.86 24.01 45.13
C PHE A 274 -20.92 25.10 45.63
N TRP A 275 -19.96 25.51 44.80
CA TRP A 275 -19.01 26.53 45.22
C TRP A 275 -19.70 27.89 45.36
N GLY A 276 -20.73 28.16 44.57
CA GLY A 276 -21.49 29.38 44.77
C GLY A 276 -22.17 29.42 46.13
N PHE A 277 -22.81 28.31 46.51
CA PHE A 277 -23.41 28.22 47.84
C PHE A 277 -22.36 28.34 48.94
N VAL A 278 -21.21 27.70 48.75
CA VAL A 278 -20.14 27.78 49.74
C VAL A 278 -19.66 29.21 49.92
N SER A 279 -19.50 29.93 48.81
CA SER A 279 -19.11 31.34 48.88
C SER A 279 -20.20 32.16 49.55
N ASP A 280 -21.47 31.83 49.31
CA ASP A 280 -22.55 32.52 50.00
C ASP A 280 -22.47 32.32 51.51
N LYS A 281 -22.13 31.10 51.95
CA LYS A 281 -22.13 30.82 53.38
C LYS A 281 -20.95 31.45 54.10
N ILE A 282 -19.78 31.53 53.44
CA ILE A 282 -18.56 32.01 54.07
C ILE A 282 -18.13 33.36 53.49
N GLY A 283 -17.82 33.41 52.20
CA GLY A 283 -17.39 34.64 51.58
C GLY A 283 -16.72 34.35 50.25
N ARG A 284 -16.58 35.41 49.46
CA ARG A 284 -15.96 35.28 48.14
C ARG A 284 -14.48 34.96 48.26
N TYR A 285 -13.76 35.73 49.08
CA TYR A 285 -12.30 35.62 49.09
C TYR A 285 -11.84 34.34 49.78
N LYS A 286 -12.45 33.98 50.91
CA LYS A 286 -12.06 32.75 51.59
C LYS A 286 -12.35 31.52 50.72
N THR A 287 -13.52 31.49 50.07
CA THR A 287 -13.85 30.38 49.20
C THR A 287 -12.91 30.33 48.01
N MET A 288 -12.61 31.47 47.41
CA MET A 288 -11.66 31.51 46.30
C MET A 288 -10.31 30.95 46.72
N SER A 289 -9.82 31.38 47.90
CA SER A 289 -8.52 30.92 48.36
C SER A 289 -8.52 29.41 48.59
N VAL A 290 -9.53 28.89 49.29
CA VAL A 290 -9.57 27.45 49.56
C VAL A 290 -9.65 26.66 48.26
N VAL A 291 -10.57 27.07 47.37
CA VAL A 291 -10.79 26.33 46.13
C VAL A 291 -9.53 26.33 45.27
N PHE A 292 -8.93 27.51 45.08
CA PHE A 292 -7.76 27.59 44.22
C PHE A 292 -6.55 26.90 44.84
N GLY A 293 -6.40 26.94 46.16
CA GLY A 293 -5.30 26.20 46.78
C GLY A 293 -5.45 24.71 46.61
N ILE A 294 -6.66 24.19 46.82
CA ILE A 294 -6.88 22.76 46.62
C ILE A 294 -6.65 22.39 45.16
N ASN A 295 -7.09 23.25 44.24
CA ASN A 295 -6.88 22.98 42.82
C ASN A 295 -5.40 22.96 42.47
N ALA A 296 -4.63 23.92 43.01
CA ALA A 296 -3.19 23.95 42.75
C ALA A 296 -2.51 22.70 43.29
N VAL A 297 -2.85 22.29 44.51
CA VAL A 297 -2.24 21.09 45.09
C VAL A 297 -2.60 19.86 44.26
N VAL A 298 -3.88 19.74 43.86
CA VAL A 298 -4.32 18.58 43.11
C VAL A 298 -3.65 18.54 41.73
N LEU A 299 -3.50 19.70 41.09
CA LEU A 299 -2.83 19.72 39.79
C LEU A 299 -1.34 19.42 39.93
N ALA A 300 -0.72 19.83 41.04
CA ALA A 300 0.68 19.51 41.25
C ALA A 300 0.88 18.01 41.49
N LEU A 301 -0.06 17.37 42.18
CA LEU A 301 0.04 15.95 42.47
C LEU A 301 -0.64 15.06 41.43
N PHE A 302 -1.26 15.65 40.41
CA PHE A 302 -2.00 14.86 39.43
C PHE A 302 -1.17 13.84 38.68
N PRO A 303 -0.02 14.19 38.07
CA PRO A 303 0.74 13.16 37.34
C PRO A 303 1.17 11.98 38.21
N THR A 304 1.56 12.25 39.46
CA THR A 304 2.03 11.18 40.33
C THR A 304 0.88 10.30 40.80
N ILE A 305 -0.22 10.91 41.26
CA ILE A 305 -1.31 10.14 41.82
C ILE A 305 -2.08 9.39 40.74
N ALA A 306 -2.21 9.98 39.54
CA ALA A 306 -3.00 9.34 38.49
C ALA A 306 -2.37 8.05 38.00
N ALA A 307 -1.07 7.84 38.25
CA ALA A 307 -0.41 6.61 37.86
C ALA A 307 -0.91 5.41 38.64
N LEU A 308 -1.49 5.63 39.82
CA LEU A 308 -1.87 4.53 40.70
C LEU A 308 -2.93 3.61 40.10
N GLY A 309 -3.64 4.05 39.08
CA GLY A 309 -4.55 3.18 38.36
C GLY A 309 -5.74 3.93 37.83
N ASP A 310 -6.76 3.17 37.42
CA ASP A 310 -7.98 3.76 36.88
C ASP A 310 -8.71 4.56 37.95
N VAL A 311 -8.83 3.99 39.15
CA VAL A 311 -9.60 4.63 40.22
C VAL A 311 -8.94 5.94 40.62
N ALA A 312 -7.62 5.93 40.80
CA ALA A 312 -6.91 7.14 41.16
C ALA A 312 -7.01 8.18 40.05
N PHE A 313 -6.92 7.75 38.80
CA PHE A 313 -7.05 8.67 37.67
C PHE A 313 -8.40 9.37 37.68
N ILE A 314 -9.47 8.59 37.84
CA ILE A 314 -10.82 9.17 37.83
C ILE A 314 -11.02 10.07 39.04
N ALA A 315 -10.52 9.66 40.21
CA ALA A 315 -10.68 10.48 41.41
C ALA A 315 -9.93 11.80 41.26
N MET A 316 -8.71 11.76 40.73
CA MET A 316 -7.95 12.99 40.53
C MET A 316 -8.63 13.89 39.51
N LEU A 317 -9.15 13.32 38.43
CA LEU A 317 -9.89 14.12 37.45
C LEU A 317 -11.09 14.80 38.11
N ALA A 318 -11.87 14.04 38.87
CA ALA A 318 -13.06 14.59 39.52
C ALA A 318 -12.69 15.72 40.47
N ILE A 319 -11.69 15.49 41.33
CA ILE A 319 -11.31 16.49 42.32
C ILE A 319 -10.74 17.73 41.63
N ALA A 320 -9.87 17.54 40.64
CA ALA A 320 -9.24 18.67 39.97
C ALA A 320 -10.28 19.53 39.25
N PHE A 321 -11.21 18.89 38.52
CA PHE A 321 -12.20 19.68 37.80
C PHE A 321 -13.22 20.29 38.75
N PHE A 322 -13.53 19.61 39.85
CA PHE A 322 -14.41 20.17 40.87
C PHE A 322 -13.80 21.44 41.46
N THR A 323 -12.50 21.42 41.74
CA THR A 323 -11.83 22.58 42.29
C THR A 323 -11.50 23.64 41.23
N TRP A 324 -11.52 23.28 39.95
CA TRP A 324 -11.24 24.28 38.94
C TRP A 324 -12.49 25.03 38.46
N GLY A 325 -13.63 24.33 38.34
CA GLY A 325 -14.80 24.93 37.71
C GLY A 325 -15.46 26.04 38.51
N GLY A 326 -15.20 26.11 39.81
CA GLY A 326 -15.94 27.02 40.68
C GLY A 326 -15.71 28.50 40.40
N SER A 327 -14.67 28.85 39.65
CA SER A 327 -14.37 30.25 39.42
C SER A 327 -15.48 30.95 38.65
N TYR A 328 -16.10 30.24 37.70
CA TYR A 328 -17.15 30.83 36.88
C TYR A 328 -18.41 31.16 37.68
N ALA A 329 -18.50 30.69 38.92
CA ALA A 329 -19.54 31.13 39.85
C ALA A 329 -19.02 32.06 40.93
N LEU A 330 -17.75 31.93 41.31
CA LEU A 330 -17.21 32.79 42.36
C LEU A 330 -17.00 34.22 41.86
N PHE A 331 -16.55 34.38 40.62
CA PHE A 331 -16.23 35.71 40.11
C PHE A 331 -17.44 36.57 39.80
N PRO A 332 -18.53 36.05 39.21
CA PRO A 332 -19.68 36.94 38.95
C PRO A 332 -20.30 37.51 40.21
N SER A 333 -20.49 36.66 41.23
CA SER A 333 -21.05 37.15 42.49
C SER A 333 -20.11 38.15 43.16
N THR A 334 -18.80 37.89 43.08
CA THR A 334 -17.83 38.85 43.61
C THR A 334 -17.92 40.18 42.88
N ASN A 335 -18.05 40.15 41.56
CA ASN A 335 -18.18 41.38 40.80
C ASN A 335 -19.44 42.14 41.18
N SER A 336 -20.55 41.44 41.34
CA SER A 336 -21.80 42.09 41.74
C SER A 336 -21.69 42.69 43.14
N ASP A 337 -20.99 42.00 44.05
CA ASP A 337 -20.86 42.49 45.42
C ASP A 337 -19.92 43.69 45.50
N ILE A 338 -18.86 43.69 44.70
CA ILE A 338 -17.78 44.66 44.86
C ILE A 338 -18.04 45.92 44.04
N PHE A 339 -18.40 45.78 42.77
CA PHE A 339 -18.50 46.91 41.85
C PHE A 339 -19.93 47.32 41.55
N GLY A 340 -20.88 46.99 42.45
CA GLY A 340 -22.24 47.46 42.31
C GLY A 340 -23.10 46.60 41.40
N THR A 341 -24.40 46.56 41.70
CA THR A 341 -25.34 45.78 40.89
C THR A 341 -25.84 46.52 39.67
N ALA A 342 -25.99 47.86 39.76
CA ALA A 342 -26.60 48.62 38.67
C ALA A 342 -25.79 48.50 37.39
N TYR A 343 -24.48 48.66 37.47
CA TYR A 343 -23.58 48.59 36.33
C TYR A 343 -22.88 47.24 36.22
N SER A 344 -23.41 46.21 36.89
CA SER A 344 -22.69 44.94 37.01
C SER A 344 -22.54 44.22 35.67
N ALA A 345 -23.49 44.39 34.75
CA ALA A 345 -23.46 43.64 33.50
C ALA A 345 -22.25 44.00 32.65
N ARG A 346 -21.88 45.28 32.63
CA ARG A 346 -20.71 45.71 31.87
C ARG A 346 -19.43 45.20 32.51
N ASN A 347 -19.38 45.31 33.84
CA ASN A 347 -18.18 44.93 34.58
C ASN A 347 -17.91 43.43 34.46
N TYR A 348 -18.95 42.60 34.49
CA TYR A 348 -18.68 41.18 34.32
C TYR A 348 -18.27 40.84 32.90
N GLY A 349 -18.67 41.64 31.90
CA GLY A 349 -18.10 41.47 30.58
C GLY A 349 -16.61 41.78 30.55
N PHE A 350 -16.22 42.87 31.24
CA PHE A 350 -14.79 43.15 31.36
C PHE A 350 -14.05 42.04 32.09
N PHE A 351 -14.71 41.38 33.05
CA PHE A 351 -14.09 40.20 33.67
C PHE A 351 -14.03 39.02 32.70
N TRP A 352 -15.05 38.87 31.84
CA TRP A 352 -15.09 37.82 30.84
C TRP A 352 -13.99 37.99 29.80
N ALA A 353 -13.50 39.23 29.64
CA ALA A 353 -12.37 39.47 28.75
C ALA A 353 -11.17 38.60 29.12
N ALA A 354 -11.04 38.23 30.39
CA ALA A 354 -9.92 37.37 30.80
C ALA A 354 -10.03 35.99 30.18
N LYS A 355 -11.21 35.37 30.25
CA LYS A 355 -11.40 34.06 29.63
C LYS A 355 -11.30 34.16 28.12
N ALA A 356 -11.74 35.29 27.55
CA ALA A 356 -11.57 35.47 26.11
C ALA A 356 -10.10 35.56 25.72
N THR A 357 -9.29 36.26 26.53
CA THR A 357 -7.87 36.40 26.24
C THR A 357 -7.13 35.08 26.42
N ALA A 358 -7.52 34.28 27.42
CA ALA A 358 -6.83 33.02 27.67
C ALA A 358 -6.90 32.09 26.44
N SER A 359 -7.98 32.15 25.67
CA SER A 359 -8.15 31.29 24.52
C SER A 359 -7.21 31.63 23.36
N ILE A 360 -6.50 32.76 23.44
CA ILE A 360 -5.57 33.13 22.37
C ILE A 360 -4.44 32.10 22.27
N PHE A 361 -3.94 31.63 23.41
CA PHE A 361 -2.77 30.77 23.43
C PHE A 361 -3.10 29.28 23.52
N GLY A 362 -4.28 28.93 24.03
CA GLY A 362 -4.62 27.55 24.34
C GLY A 362 -4.80 26.62 23.16
N GLY A 363 -4.55 27.09 21.94
CA GLY A 363 -4.74 26.27 20.75
C GLY A 363 -4.00 24.94 20.79
N GLY A 364 -2.67 24.99 20.76
CA GLY A 364 -1.88 23.78 20.86
C GLY A 364 -0.88 23.87 22.00
N LEU A 365 -1.11 24.80 22.91
CA LEU A 365 -0.13 25.08 23.97
C LEU A 365 -0.01 23.91 24.95
N GLY A 366 -1.13 23.29 25.32
CA GLY A 366 -1.06 22.17 26.25
C GLY A 366 -0.25 21.02 25.70
N ALA A 367 -0.54 20.62 24.46
CA ALA A 367 0.21 19.52 23.84
C ALA A 367 1.66 19.91 23.64
N ALA A 368 1.92 21.17 23.27
CA ALA A 368 3.29 21.62 23.08
C ALA A 368 4.09 21.52 24.38
N ILE A 369 3.54 22.06 25.47
CA ILE A 369 4.24 22.02 26.75
C ILE A 369 4.45 20.58 27.20
N ALA A 370 3.41 19.74 27.06
CA ALA A 370 3.53 18.34 27.45
C ALA A 370 4.65 17.65 26.68
N THR A 371 4.54 17.63 25.35
CA THR A 371 5.52 16.92 24.53
C THR A 371 6.91 17.53 24.60
N ASN A 372 7.04 18.80 25.00
CA ASN A 372 8.36 19.42 25.04
C ASN A 372 9.06 19.22 26.38
N PHE A 373 8.37 19.46 27.49
CA PHE A 373 9.01 19.47 28.80
C PHE A 373 8.46 18.42 29.75
N GLY A 374 7.69 17.46 29.26
CA GLY A 374 7.22 16.41 30.15
C GLY A 374 5.85 16.70 30.72
N TRP A 375 5.10 15.62 30.97
CA TRP A 375 3.78 15.75 31.58
C TRP A 375 3.86 16.36 32.97
N ASN A 376 4.86 15.94 33.76
CA ASN A 376 4.97 16.42 35.13
C ASN A 376 5.18 17.93 35.17
N THR A 377 6.06 18.45 34.33
CA THR A 377 6.29 19.89 34.29
C THR A 377 5.08 20.65 33.76
N ALA A 378 4.35 20.07 32.80
CA ALA A 378 3.14 20.72 32.30
C ALA A 378 2.10 20.86 33.41
N PHE A 379 1.85 19.77 34.15
CA PHE A 379 0.89 19.86 35.23
C PHE A 379 1.42 20.72 36.38
N LEU A 380 2.76 20.80 36.53
CA LEU A 380 3.32 21.74 37.49
C LEU A 380 3.07 23.18 37.08
N ILE A 381 3.15 23.47 35.78
CA ILE A 381 2.84 24.82 35.30
C ILE A 381 1.36 25.15 35.54
N THR A 382 0.47 24.18 35.27
CA THR A 382 -0.95 24.40 35.57
C THR A 382 -1.16 24.65 37.06
N ALA A 383 -0.49 23.86 37.90
CA ALA A 383 -0.58 24.07 39.35
C ALA A 383 0.00 25.42 39.75
N ILE A 384 1.01 25.90 39.03
CA ILE A 384 1.58 27.21 39.33
C ILE A 384 0.60 28.31 38.97
N THR A 385 -0.13 28.16 37.87
CA THR A 385 -1.19 29.11 37.55
C THR A 385 -2.25 29.13 38.65
N SER A 386 -2.71 27.94 39.05
CA SER A 386 -3.70 27.86 40.12
C SER A 386 -3.15 28.43 41.43
N PHE A 387 -1.84 28.27 41.67
CA PHE A 387 -1.22 28.80 42.88
C PHE A 387 -1.07 30.31 42.83
N ILE A 388 -0.84 30.86 41.63
CA ILE A 388 -0.88 32.32 41.46
C ILE A 388 -2.26 32.84 41.83
N ALA A 389 -3.31 32.17 41.34
CA ALA A 389 -4.66 32.56 41.70
C ALA A 389 -4.88 32.44 43.20
N PHE A 390 -4.40 31.35 43.81
CA PHE A 390 -4.55 31.16 45.25
C PHE A 390 -3.85 32.26 46.04
N ALA A 391 -2.62 32.60 45.65
CA ALA A 391 -1.88 33.63 46.37
C ALA A 391 -2.55 34.98 46.23
N LEU A 392 -3.06 35.30 45.03
CA LEU A 392 -3.78 36.55 44.85
C LEU A 392 -5.03 36.58 45.71
N ALA A 393 -5.76 35.47 45.79
CA ALA A 393 -6.99 35.43 46.57
C ALA A 393 -6.71 35.52 48.07
N THR A 394 -5.62 34.91 48.53
CA THR A 394 -5.36 34.80 49.96
C THR A 394 -4.62 36.01 50.52
N PHE A 395 -3.54 36.43 49.86
CA PHE A 395 -2.64 37.44 50.43
C PHE A 395 -2.84 38.83 49.84
N VAL A 396 -3.22 38.94 48.57
CA VAL A 396 -3.24 40.21 47.88
C VAL A 396 -4.57 40.93 48.07
N ILE A 397 -5.65 40.31 47.60
CA ILE A 397 -6.95 40.99 47.49
C ILE A 397 -7.61 41.30 48.83
N PRO A 398 -7.49 40.48 49.89
CA PRO A 398 -8.20 40.84 51.13
C PRO A 398 -7.64 42.07 51.81
N ARG A 399 -6.35 42.36 51.64
CA ARG A 399 -5.72 43.48 52.33
C ARG A 399 -6.11 44.83 51.73
N MET A 400 -6.63 44.85 50.51
CA MET A 400 -6.95 46.12 49.85
C MET A 400 -8.24 46.74 50.39
N GLY A 401 -9.23 45.93 50.75
CA GLY A 401 -10.49 46.47 51.23
C GLY A 401 -11.38 46.94 50.09
N ARG A 402 -12.18 47.97 50.39
CA ARG A 402 -13.20 48.45 49.46
C ARG A 402 -12.58 49.28 48.34
N PRO A 403 -13.16 49.23 47.15
CA PRO A 403 -12.67 50.07 46.04
C PRO A 403 -12.88 51.55 46.34
N VAL A 404 -12.03 52.39 45.72
CA VAL A 404 -11.93 53.80 46.10
C VAL A 404 -12.69 54.75 45.18
N LYS A 405 -13.04 54.33 43.96
CA LYS A 405 -13.83 55.14 43.03
C LYS A 405 -13.14 56.48 42.71
N LYS A 406 -11.96 56.39 42.10
CA LYS A 406 -11.19 57.58 41.77
C LYS A 406 -11.56 58.13 40.40
N MET A 407 -11.19 59.41 40.20
CA MET A 407 -11.32 60.10 38.91
C MET A 407 -12.75 60.09 38.37
N VAL A 408 -13.72 60.33 39.26
CA VAL A 408 -15.12 60.35 38.84
C VAL A 408 -15.37 61.56 37.95
N LYS A 409 -16.16 61.37 36.90
CA LYS A 409 -16.50 62.43 35.95
C LYS A 409 -18.01 62.62 35.90
N LEU A 410 -18.42 63.86 35.63
CA LEU A 410 -19.84 64.20 35.49
C LEU A 410 -20.41 63.62 34.20
N LEU B 1 8.44 9.89 6.97
CA LEU B 1 6.99 9.96 6.88
C LEU B 1 6.36 8.60 7.13
N GLU B 2 6.63 7.65 6.23
CA GLU B 2 6.06 6.32 6.35
C GLU B 2 6.53 5.63 7.62
N VAL B 3 5.62 4.87 8.23
CA VAL B 3 5.90 4.13 9.45
C VAL B 3 6.40 2.75 9.07
N MET B 4 7.53 2.34 9.66
CA MET B 4 8.13 1.04 9.39
C MET B 4 8.31 0.26 10.68
N LEU B 5 7.94 -1.02 10.65
CA LEU B 5 8.10 -1.93 11.77
C LEU B 5 8.69 -3.23 11.26
N VAL B 6 9.88 -3.58 11.75
CA VAL B 6 10.60 -4.76 11.29
C VAL B 6 10.77 -5.70 12.47
N GLU B 7 10.11 -6.86 12.39
CA GLU B 7 10.24 -7.89 13.41
C GLU B 7 11.42 -8.81 13.09
N SER B 8 12.09 -9.27 14.14
CA SER B 8 13.23 -10.17 14.00
C SER B 8 13.39 -10.96 15.29
N GLY B 9 14.27 -11.96 15.25
CA GLY B 9 14.55 -12.79 16.41
C GLY B 9 13.74 -14.06 16.51
N GLY B 10 12.84 -14.32 15.57
CA GLY B 10 12.10 -15.57 15.58
C GLY B 10 12.99 -16.76 15.28
N GLY B 11 12.58 -17.91 15.80
CA GLY B 11 13.39 -19.10 15.64
C GLY B 11 12.61 -20.37 15.91
N LEU B 12 13.34 -21.48 15.87
CA LEU B 12 12.81 -22.81 16.22
C LEU B 12 13.56 -23.22 17.48
N VAL B 13 12.86 -23.21 18.61
CA VAL B 13 13.48 -23.37 19.91
C VAL B 13 12.72 -24.43 20.70
N LYS B 14 13.46 -25.15 21.55
CA LYS B 14 12.85 -26.18 22.37
C LYS B 14 12.06 -25.55 23.52
N PRO B 15 10.97 -26.18 23.95
CA PRO B 15 10.11 -25.54 24.95
C PRO B 15 10.81 -25.38 26.29
N GLY B 16 10.26 -24.50 27.11
CA GLY B 16 10.84 -24.22 28.41
C GLY B 16 12.09 -23.37 28.37
N GLY B 17 12.35 -22.69 27.26
CA GLY B 17 13.58 -21.95 27.08
C GLY B 17 13.37 -20.46 26.88
N SER B 18 14.43 -19.75 26.52
CA SER B 18 14.38 -18.31 26.35
C SER B 18 14.46 -17.93 24.87
N LEU B 19 14.07 -16.68 24.60
CA LEU B 19 14.16 -16.09 23.27
C LEU B 19 13.92 -14.59 23.41
N LYS B 20 14.42 -13.83 22.44
CA LYS B 20 14.30 -12.38 22.45
C LYS B 20 13.89 -11.89 21.07
N LEU B 21 12.70 -11.32 20.97
CA LEU B 21 12.19 -10.76 19.73
C LEU B 21 12.44 -9.25 19.71
N SER B 22 12.93 -8.75 18.58
CA SER B 22 13.22 -7.33 18.41
C SER B 22 12.31 -6.75 17.34
N CYS B 23 11.88 -5.50 17.55
CA CYS B 23 11.06 -4.78 16.59
C CYS B 23 11.72 -3.44 16.31
N ALA B 24 12.33 -3.31 15.13
CA ALA B 24 12.95 -2.05 14.72
C ALA B 24 11.86 -1.12 14.19
N ALA B 25 11.76 0.07 14.80
CA ALA B 25 10.76 1.05 14.44
C ALA B 25 11.41 2.23 13.71
N SER B 26 10.64 2.82 12.80
CA SER B 26 11.12 3.96 12.02
C SER B 26 9.95 4.89 11.72
N GLY B 27 10.20 6.19 11.78
CA GLY B 27 9.21 7.18 11.46
C GLY B 27 8.45 7.74 12.65
N PHE B 28 8.69 7.24 13.86
CA PHE B 28 7.99 7.74 15.04
C PHE B 28 8.83 7.49 16.27
N THR B 29 8.63 8.32 17.29
CA THR B 29 9.32 8.19 18.56
C THR B 29 8.51 7.30 19.50
N PHE B 30 9.22 6.51 20.31
CA PHE B 30 8.58 5.61 21.25
C PHE B 30 7.92 6.36 22.41
N SER B 31 8.14 7.67 22.53
CA SER B 31 7.63 8.42 23.67
C SER B 31 6.13 8.65 23.57
N ASN B 32 5.68 9.30 22.50
CA ASN B 32 4.29 9.72 22.36
C ASN B 32 3.39 8.64 21.79
N TYR B 33 3.90 7.42 21.57
CA TYR B 33 3.10 6.33 21.05
C TYR B 33 3.26 5.10 21.93
N ALA B 34 2.26 4.23 21.88
CA ALA B 34 2.28 2.96 22.59
C ALA B 34 2.56 1.83 21.61
N MET B 35 3.18 0.76 22.11
CA MET B 35 3.58 -0.38 21.29
C MET B 35 3.02 -1.66 21.90
N SER B 36 2.76 -2.63 21.03
CA SER B 36 2.14 -3.88 21.45
C SER B 36 2.73 -5.05 20.67
N TRP B 37 2.83 -6.20 21.34
CA TRP B 37 3.18 -7.47 20.71
C TRP B 37 1.92 -8.32 20.62
N VAL B 38 1.58 -8.77 19.41
CA VAL B 38 0.44 -9.63 19.17
C VAL B 38 0.88 -10.82 18.32
N ARG B 39 0.56 -12.02 18.78
CA ARG B 39 0.91 -13.25 18.08
C ARG B 39 -0.35 -13.87 17.48
N GLN B 40 -0.17 -14.61 16.40
CA GLN B 40 -1.26 -15.32 15.75
C GLN B 40 -0.98 -16.82 15.76
N THR B 41 -1.96 -17.59 16.23
CA THR B 41 -1.83 -19.02 16.36
C THR B 41 -1.70 -19.64 14.97
N PRO B 42 -1.05 -20.81 14.83
CA PRO B 42 -1.05 -21.45 13.50
C PRO B 42 -2.43 -21.84 13.01
N GLU B 43 -3.42 -21.87 13.90
CA GLU B 43 -4.81 -21.99 13.49
C GLU B 43 -5.46 -20.63 13.24
N LYS B 44 -4.64 -19.62 12.97
CA LYS B 44 -5.09 -18.28 12.58
C LYS B 44 -6.00 -17.62 13.64
N ARG B 45 -5.67 -17.82 14.90
CA ARG B 45 -6.34 -17.17 16.02
C ARG B 45 -5.36 -16.18 16.65
N LEU B 46 -5.84 -14.96 16.89
CA LEU B 46 -4.99 -13.89 17.41
C LEU B 46 -5.16 -13.73 18.91
N GLU B 47 -4.02 -13.60 19.60
CA GLU B 47 -3.98 -13.38 21.04
C GLU B 47 -3.06 -12.21 21.31
N TRP B 48 -3.59 -11.15 21.90
CA TRP B 48 -2.75 -10.02 22.28
C TRP B 48 -1.85 -10.45 23.43
N VAL B 49 -0.55 -10.19 23.30
CA VAL B 49 0.45 -10.75 24.20
C VAL B 49 0.95 -9.71 25.19
N ALA B 50 1.27 -8.51 24.71
CA ALA B 50 1.81 -7.48 25.60
C ALA B 50 1.54 -6.12 24.99
N LEU B 51 1.55 -5.11 25.85
CA LEU B 51 1.34 -3.73 25.44
C LEU B 51 2.07 -2.84 26.41
N ILE B 52 3.06 -2.09 25.92
CA ILE B 52 3.78 -1.11 26.72
C ILE B 52 3.31 0.28 26.28
N SER B 53 3.08 1.14 27.25
CA SER B 53 2.40 2.40 26.99
C SER B 53 3.42 3.51 26.70
N SER B 54 2.93 4.74 26.59
CA SER B 54 3.80 5.88 26.33
C SER B 54 4.78 6.09 27.48
N GLY B 55 4.27 6.02 28.72
CA GLY B 55 5.10 6.24 29.89
C GLY B 55 6.01 5.08 30.27
N GLY B 56 5.78 3.89 29.69
CA GLY B 56 6.56 2.71 30.03
C GLY B 56 5.81 1.66 30.80
N TYR B 57 4.54 1.88 31.14
CA TYR B 57 3.76 0.92 31.89
C TYR B 57 3.35 -0.24 30.98
N THR B 58 3.46 -1.45 31.51
CA THR B 58 3.28 -2.67 30.73
C THR B 58 2.02 -3.41 31.19
N TYR B 59 1.30 -3.99 30.24
CA TYR B 59 0.12 -4.78 30.50
C TYR B 59 0.24 -6.11 29.78
N TYR B 60 -0.09 -7.20 30.49
CA TYR B 60 -0.08 -8.54 29.92
C TYR B 60 -1.37 -9.24 30.29
N PRO B 61 -1.90 -10.08 29.41
CA PRO B 61 -3.05 -10.92 29.80
C PRO B 61 -2.60 -12.01 30.75
N ASP B 62 -3.54 -12.49 31.56
CA ASP B 62 -3.23 -13.49 32.57
C ASP B 62 -2.73 -14.80 31.97
N SER B 63 -3.07 -15.09 30.71
CA SER B 63 -2.64 -16.34 30.11
C SER B 63 -1.13 -16.38 29.93
N VAL B 64 -0.53 -15.26 29.52
CA VAL B 64 0.90 -15.19 29.24
C VAL B 64 1.62 -14.19 30.14
N LYS B 65 0.98 -13.74 31.22
CA LYS B 65 1.62 -12.80 32.12
C LYS B 65 2.69 -13.48 32.96
N GLY B 66 3.71 -12.73 33.31
CA GLY B 66 4.84 -13.24 34.07
C GLY B 66 5.92 -13.91 33.26
N ARG B 67 5.53 -14.76 32.31
CA ARG B 67 6.52 -15.41 31.45
C ARG B 67 7.18 -14.40 30.52
N PHE B 68 6.40 -13.57 29.85
CA PHE B 68 6.91 -12.63 28.87
C PHE B 68 7.11 -11.26 29.49
N THR B 69 8.09 -10.53 28.95
CA THR B 69 8.40 -9.18 29.40
C THR B 69 8.58 -8.29 28.18
N ILE B 70 7.76 -7.25 28.09
CA ILE B 70 7.85 -6.28 27.00
C ILE B 70 8.61 -5.07 27.49
N SER B 71 9.55 -4.59 26.68
CA SER B 71 10.36 -3.43 27.03
C SER B 71 10.68 -2.68 25.75
N ARG B 72 11.39 -1.57 25.89
CA ARG B 72 11.75 -0.74 24.74
C ARG B 72 13.08 -0.06 24.98
N ASP B 73 13.68 0.41 23.90
CA ASP B 73 14.92 1.17 23.93
C ASP B 73 14.61 2.46 23.19
N LYS B 74 14.43 3.56 23.93
CA LYS B 74 14.10 4.83 23.30
C LYS B 74 15.27 5.36 22.48
N ALA B 75 16.50 5.10 22.91
CA ALA B 75 17.67 5.62 22.21
C ALA B 75 17.78 5.04 20.80
N ARG B 76 17.48 3.75 20.62
CA ARG B 76 17.60 3.09 19.33
C ARG B 76 16.26 2.72 18.72
N ASN B 77 15.14 3.05 19.35
CA ASN B 77 13.80 2.80 18.82
C ASN B 77 13.59 1.32 18.49
N ILE B 78 13.84 0.46 19.49
CA ILE B 78 13.65 -0.97 19.35
C ILE B 78 12.70 -1.44 20.44
N LEU B 79 11.68 -2.19 20.04
CA LEU B 79 10.73 -2.80 20.97
C LEU B 79 11.17 -4.24 21.21
N HIS B 80 11.46 -4.55 22.48
CA HIS B 80 11.98 -5.86 22.86
C HIS B 80 10.91 -6.68 23.56
N LEU B 81 10.82 -7.96 23.19
CA LEU B 81 9.93 -8.92 23.84
C LEU B 81 10.77 -10.09 24.31
N GLN B 82 11.02 -10.17 25.61
CA GLN B 82 11.77 -11.27 26.19
C GLN B 82 10.82 -12.41 26.52
N MET B 83 11.14 -13.60 26.02
CA MET B 83 10.31 -14.78 26.19
C MET B 83 11.04 -15.78 27.06
N SER B 84 10.33 -16.35 28.04
CA SER B 84 10.90 -17.38 28.90
C SER B 84 9.79 -18.33 29.31
N SER B 85 10.19 -19.54 29.72
CA SER B 85 9.27 -20.61 30.08
C SER B 85 8.31 -20.90 28.93
N LEU B 86 8.89 -21.19 27.77
CA LEU B 86 8.11 -21.39 26.56
C LEU B 86 7.26 -22.65 26.67
N ARG B 87 6.01 -22.54 26.24
CA ARG B 87 5.05 -23.63 26.29
C ARG B 87 4.63 -24.01 24.87
N SER B 88 3.92 -25.13 24.77
CA SER B 88 3.46 -25.60 23.45
C SER B 88 2.47 -24.61 22.84
N GLU B 89 1.77 -23.84 23.67
CA GLU B 89 0.82 -22.85 23.17
C GLU B 89 1.51 -21.62 22.60
N ASP B 90 2.76 -21.35 22.99
CA ASP B 90 3.46 -20.15 22.56
C ASP B 90 3.87 -20.17 21.09
N THR B 91 3.72 -21.31 20.41
CA THR B 91 4.05 -21.39 18.99
C THR B 91 3.11 -20.51 18.19
N ALA B 92 3.64 -19.40 17.66
CA ALA B 92 2.84 -18.42 16.94
C ALA B 92 3.78 -17.45 16.25
N MET B 93 3.20 -16.60 15.39
CA MET B 93 3.93 -15.55 14.70
C MET B 93 3.61 -14.22 15.36
N TYR B 94 4.65 -13.54 15.84
CA TYR B 94 4.49 -12.31 16.62
C TYR B 94 4.66 -11.09 15.73
N PHE B 95 3.78 -10.11 15.92
CA PHE B 95 3.84 -8.83 15.23
C PHE B 95 3.92 -7.71 16.26
N CYS B 96 4.63 -6.65 15.91
CA CYS B 96 4.67 -5.45 16.73
C CYS B 96 3.87 -4.35 16.05
N ALA B 97 3.00 -3.70 16.81
CA ALA B 97 2.11 -2.67 16.28
C ALA B 97 2.17 -1.45 17.16
N ARG B 98 2.04 -0.28 16.55
CA ARG B 98 2.03 0.98 17.29
C ARG B 98 0.59 1.35 17.63
N GLY B 99 0.40 1.76 18.88
CA GLY B 99 -0.91 2.10 19.36
C GLY B 99 -1.34 3.51 18.99
N PRO B 100 -2.29 4.05 19.74
CA PRO B 100 -2.77 5.40 19.44
C PRO B 100 -1.76 6.46 19.85
N TYR B 101 -1.90 7.63 19.24
CA TYR B 101 -1.14 8.80 19.68
C TYR B 101 -1.70 9.28 21.01
N ASP B 102 -0.81 9.86 21.83
CA ASP B 102 -1.19 10.22 23.19
C ASP B 102 -2.38 11.17 23.23
N PHE B 103 -2.48 12.06 22.24
CA PHE B 103 -3.57 13.03 22.17
C PHE B 103 -4.64 12.63 21.16
N ASP B 104 -4.58 11.42 20.61
CA ASP B 104 -5.50 10.97 19.57
C ASP B 104 -6.23 9.71 20.01
N ASP B 105 -7.43 9.52 19.48
CA ASP B 105 -8.23 8.34 19.73
C ASP B 105 -8.00 7.34 18.61
N GLY B 106 -7.73 6.08 18.98
CA GLY B 106 -7.48 5.03 18.01
C GLY B 106 -7.36 3.67 18.66
N PRO B 107 -7.20 2.64 17.84
CA PRO B 107 -7.08 1.28 18.37
C PRO B 107 -5.68 1.01 18.87
N PRO B 108 -5.50 0.01 19.73
CA PRO B 108 -4.15 -0.30 20.24
C PRO B 108 -3.18 -0.80 19.20
N PHE B 109 -3.65 -1.20 18.01
CA PHE B 109 -2.77 -1.69 16.94
C PHE B 109 -3.14 -0.94 15.66
N GLY B 110 -2.52 0.22 15.44
CA GLY B 110 -2.80 1.01 14.26
C GLY B 110 -2.11 0.49 13.02
N ASN B 111 -0.80 0.32 13.08
CA ASN B 111 -0.01 -0.19 11.97
C ASN B 111 0.75 -1.44 12.43
N TRP B 112 0.77 -2.45 11.57
CA TRP B 112 1.41 -3.72 11.88
C TRP B 112 2.68 -3.90 11.05
N GLY B 113 3.62 -4.67 11.59
CA GLY B 113 4.83 -5.03 10.88
C GLY B 113 4.66 -6.30 10.08
N GLN B 114 5.79 -6.79 9.55
CA GLN B 114 5.76 -8.02 8.76
C GLN B 114 5.48 -9.23 9.65
N GLY B 115 6.19 -9.35 10.74
CA GLY B 115 5.98 -10.42 11.70
C GLY B 115 7.13 -11.41 11.69
N THR B 116 7.42 -11.95 12.88
CA THR B 116 8.43 -12.98 13.03
C THR B 116 7.81 -14.21 13.67
N LEU B 117 8.28 -15.39 13.27
CA LEU B 117 7.70 -16.64 13.70
C LEU B 117 8.52 -17.26 14.82
N VAL B 118 7.84 -17.68 15.89
CA VAL B 118 8.46 -18.38 17.01
C VAL B 118 7.75 -19.70 17.17
N THR B 119 8.48 -20.80 17.01
CA THR B 119 7.92 -22.14 17.10
C THR B 119 8.63 -22.91 18.20
N VAL B 120 7.86 -23.43 19.15
CA VAL B 120 8.40 -24.24 20.24
C VAL B 120 7.57 -25.52 20.29
N SER B 121 8.12 -26.60 19.75
CA SER B 121 7.42 -27.88 19.71
C SER B 121 8.46 -28.99 19.81
N ALA B 122 8.06 -30.21 19.43
CA ALA B 122 8.99 -31.33 19.36
C ALA B 122 9.96 -31.22 18.19
N ALA B 123 9.74 -30.28 17.27
CA ALA B 123 10.63 -30.09 16.13
C ALA B 123 11.81 -29.19 16.50
N GLU C 1 -17.43 -15.02 33.33
CA GLU C 1 -15.98 -14.88 33.54
C GLU C 1 -15.58 -13.41 33.47
N LEU C 2 -14.36 -13.11 33.94
CA LEU C 2 -13.90 -11.72 33.92
C LEU C 2 -13.52 -11.27 32.51
N ASP C 3 -12.92 -12.17 31.73
CA ASP C 3 -12.51 -11.80 30.38
C ASP C 3 -13.72 -11.67 29.46
N ILE C 4 -13.69 -10.64 28.64
CA ILE C 4 -14.71 -10.44 27.61
C ILE C 4 -14.40 -11.31 26.41
N VAL C 5 -15.43 -11.81 25.74
CA VAL C 5 -15.28 -12.70 24.60
C VAL C 5 -16.13 -12.16 23.45
N LEU C 6 -15.50 -11.95 22.30
CA LEU C 6 -16.19 -11.53 21.08
C LEU C 6 -16.40 -12.76 20.19
N THR C 7 -17.64 -13.00 19.81
CA THR C 7 -18.01 -14.15 18.99
C THR C 7 -18.54 -13.66 17.65
N GLN C 8 -17.90 -14.11 16.58
CA GLN C 8 -18.40 -13.88 15.23
C GLN C 8 -19.15 -15.14 14.78
N SER C 9 -20.45 -14.99 14.52
CA SER C 9 -21.30 -16.14 14.27
C SER C 9 -20.85 -16.90 13.03
N GLN C 10 -20.48 -16.18 11.97
CA GLN C 10 -20.14 -16.78 10.68
C GLN C 10 -18.65 -17.09 10.66
N LYS C 11 -18.31 -18.37 10.84
CA LYS C 11 -16.93 -18.79 10.64
C LYS C 11 -16.55 -18.71 9.16
N PHE C 12 -17.47 -19.07 8.27
CA PHE C 12 -17.27 -19.02 6.83
C PHE C 12 -18.45 -18.30 6.20
N MET C 13 -18.16 -17.38 5.28
CA MET C 13 -19.21 -16.66 4.56
C MET C 13 -18.87 -16.64 3.08
N SER C 14 -19.87 -16.91 2.24
CA SER C 14 -19.71 -16.93 0.79
C SER C 14 -20.49 -15.78 0.18
N THR C 15 -19.89 -15.09 -0.78
CA THR C 15 -20.52 -13.94 -1.41
C THR C 15 -20.12 -13.88 -2.88
N SER C 16 -20.66 -12.89 -3.58
CA SER C 16 -20.35 -12.62 -4.97
C SER C 16 -19.92 -11.17 -5.11
N VAL C 17 -19.24 -10.89 -6.22
CA VAL C 17 -18.71 -9.53 -6.46
C VAL C 17 -19.87 -8.58 -6.70
N GLY C 18 -19.84 -7.43 -6.02
CA GLY C 18 -20.84 -6.41 -6.19
C GLY C 18 -22.00 -6.45 -5.21
N ASP C 19 -22.06 -7.45 -4.34
CA ASP C 19 -23.17 -7.59 -3.41
C ASP C 19 -22.83 -6.94 -2.06
N ARG C 20 -23.76 -7.05 -1.12
CA ARG C 20 -23.63 -6.47 0.21
C ARG C 20 -23.47 -7.58 1.24
N VAL C 21 -22.47 -7.45 2.10
CA VAL C 21 -22.23 -8.45 3.14
C VAL C 21 -22.07 -7.73 4.48
N SER C 22 -22.38 -8.45 5.55
CA SER C 22 -22.27 -7.91 6.90
C SER C 22 -21.70 -8.97 7.82
N VAL C 23 -20.57 -8.66 8.46
CA VAL C 23 -19.96 -9.52 9.46
C VAL C 23 -20.39 -9.03 10.84
N THR C 24 -20.96 -9.91 11.64
CA THR C 24 -21.52 -9.56 12.94
C THR C 24 -20.59 -9.98 14.05
N CYS C 25 -20.53 -9.15 15.09
CA CYS C 25 -19.67 -9.38 16.25
C CYS C 25 -20.52 -9.19 17.49
N LYS C 26 -20.65 -10.24 18.31
CA LYS C 26 -21.48 -10.22 19.50
C LYS C 26 -20.57 -10.36 20.72
N ALA C 27 -20.62 -9.36 21.60
CA ALA C 27 -19.76 -9.33 22.77
C ALA C 27 -20.47 -9.92 23.97
N SER C 28 -19.71 -10.63 24.82
CA SER C 28 -20.26 -11.17 26.04
C SER C 28 -20.55 -10.10 27.07
N GLN C 29 -19.89 -8.95 26.97
CA GLN C 29 -20.09 -7.84 27.90
C GLN C 29 -20.24 -6.54 27.12
N ASN C 30 -20.78 -5.53 27.79
CA ASN C 30 -20.95 -4.22 27.16
C ASN C 30 -19.60 -3.55 26.99
N VAL C 31 -19.25 -3.19 25.76
CA VAL C 31 -17.99 -2.53 25.45
C VAL C 31 -18.21 -1.17 24.81
N GLY C 32 -19.45 -0.69 24.77
CA GLY C 32 -19.71 0.65 24.28
C GLY C 32 -19.38 0.78 22.80
N THR C 33 -18.49 1.73 22.49
CA THR C 33 -18.07 2.00 21.11
C THR C 33 -16.58 1.82 20.92
N ASN C 34 -15.91 1.12 21.84
CA ASN C 34 -14.47 0.88 21.73
C ASN C 34 -14.23 -0.48 21.09
N VAL C 35 -14.50 -0.55 19.79
CA VAL C 35 -14.34 -1.77 19.01
C VAL C 35 -13.72 -1.41 17.67
N ALA C 36 -12.78 -2.25 17.22
CA ALA C 36 -12.06 -2.07 15.97
C ALA C 36 -12.24 -3.30 15.09
N TRP C 37 -12.11 -3.08 13.79
CA TRP C 37 -12.20 -4.14 12.78
C TRP C 37 -10.90 -4.20 12.00
N TYR C 38 -10.33 -5.39 11.89
CA TYR C 38 -9.11 -5.63 11.16
C TYR C 38 -9.35 -6.61 10.02
N GLN C 39 -8.57 -6.44 8.95
CA GLN C 39 -8.62 -7.30 7.77
C GLN C 39 -7.25 -7.90 7.56
N GLN C 40 -7.18 -9.23 7.55
CA GLN C 40 -5.96 -9.99 7.34
C GLN C 40 -6.07 -10.69 5.99
N LYS C 41 -5.31 -10.19 5.02
CA LYS C 41 -5.16 -10.87 3.74
C LYS C 41 -4.31 -12.12 3.95
N PRO C 42 -4.48 -13.14 3.11
CA PRO C 42 -3.88 -14.45 3.42
C PRO C 42 -2.37 -14.43 3.59
N GLY C 43 -1.64 -13.62 2.83
CA GLY C 43 -0.19 -13.61 2.89
C GLY C 43 0.43 -12.46 3.64
N GLN C 44 -0.36 -11.61 4.30
CA GLN C 44 0.16 -10.42 4.97
C GLN C 44 -0.45 -10.31 6.37
N SER C 45 0.18 -9.45 7.18
CA SER C 45 -0.30 -9.19 8.52
C SER C 45 -1.59 -8.35 8.46
N PRO C 46 -2.37 -8.36 9.54
CA PRO C 46 -3.64 -7.62 9.53
C PRO C 46 -3.45 -6.13 9.30
N LYS C 47 -4.42 -5.54 8.58
CA LYS C 47 -4.46 -4.12 8.29
C LYS C 47 -5.67 -3.51 8.97
N ALA C 48 -5.48 -2.35 9.59
CA ALA C 48 -6.55 -1.73 10.37
C ALA C 48 -7.62 -1.15 9.44
N LEU C 49 -8.87 -1.57 9.65
CA LEU C 49 -10.00 -1.08 8.88
C LEU C 49 -10.83 -0.05 9.65
N ILE C 50 -11.32 -0.43 10.84
CA ILE C 50 -12.29 0.37 11.57
C ILE C 50 -11.78 0.60 12.99
N TYR C 51 -11.88 1.84 13.47
CA TYR C 51 -11.63 2.14 14.87
C TYR C 51 -12.86 2.84 15.43
N SER C 52 -13.12 2.64 16.71
CA SER C 52 -14.27 3.18 17.44
C SER C 52 -15.59 2.59 16.94
N ALA C 53 -15.56 1.52 16.14
CA ALA C 53 -16.71 0.75 15.68
C ALA C 53 -17.53 1.50 14.64
N SER C 54 -17.19 2.76 14.36
CA SER C 54 -17.87 3.53 13.33
C SER C 54 -16.94 4.30 12.41
N TYR C 55 -15.66 4.42 12.74
CA TYR C 55 -14.73 5.27 12.00
C TYR C 55 -13.70 4.41 11.28
N ARG C 56 -13.50 4.70 10.00
CA ARG C 56 -12.44 4.11 9.21
C ARG C 56 -11.30 5.10 9.02
N TYR C 57 -10.12 4.58 8.69
CA TYR C 57 -8.96 5.44 8.51
C TYR C 57 -9.02 6.17 7.17
N SER C 58 -8.05 7.06 7.00
CA SER C 58 -7.74 7.57 5.67
C SER C 58 -7.04 6.47 4.88
N GLY C 59 -7.46 6.29 3.63
CA GLY C 59 -6.94 5.21 2.81
C GLY C 59 -7.72 3.93 2.88
N VAL C 60 -8.69 3.84 3.79
CA VAL C 60 -9.60 2.71 3.85
C VAL C 60 -10.73 3.03 2.88
N PRO C 61 -11.09 2.13 1.97
CA PRO C 61 -12.10 2.47 0.97
C PRO C 61 -13.48 2.67 1.59
N ASP C 62 -14.29 3.45 0.88
CA ASP C 62 -15.65 3.75 1.30
C ASP C 62 -16.56 2.53 1.28
N ARG C 63 -16.07 1.39 0.79
CA ARG C 63 -16.89 0.18 0.78
C ARG C 63 -17.13 -0.34 2.19
N PHE C 64 -16.15 -0.23 3.07
CA PHE C 64 -16.26 -0.75 4.43
C PHE C 64 -16.84 0.32 5.35
N THR C 65 -17.84 -0.08 6.14
CA THR C 65 -18.43 0.79 7.15
C THR C 65 -18.65 -0.03 8.41
N GLY C 66 -18.73 0.66 9.54
CA GLY C 66 -18.96 0.02 10.82
C GLY C 66 -20.11 0.67 11.55
N SER C 67 -20.86 -0.18 12.28
CA SER C 67 -22.00 0.31 13.05
C SER C 67 -22.20 -0.59 14.26
N GLY C 68 -23.01 -0.12 15.19
CA GLY C 68 -23.35 -0.89 16.37
C GLY C 68 -22.80 -0.25 17.64
N SER C 69 -23.16 -0.87 18.75
CA SER C 69 -22.75 -0.41 20.08
C SER C 69 -23.09 -1.51 21.08
N GLY C 70 -22.82 -1.22 22.36
CA GLY C 70 -23.12 -2.16 23.42
C GLY C 70 -22.44 -3.50 23.24
N THR C 71 -23.22 -4.51 22.87
CA THR C 71 -22.70 -5.85 22.62
C THR C 71 -22.83 -6.27 21.17
N ASP C 72 -23.51 -5.49 20.33
CA ASP C 72 -23.77 -5.87 18.94
C ASP C 72 -23.04 -4.91 18.01
N PHE C 73 -22.20 -5.46 17.14
CA PHE C 73 -21.45 -4.67 16.17
C PHE C 73 -21.56 -5.33 14.80
N THR C 74 -21.50 -4.50 13.76
CA THR C 74 -21.59 -4.98 12.39
C THR C 74 -20.58 -4.24 11.52
N LEU C 75 -19.86 -4.99 10.70
CA LEU C 75 -18.98 -4.46 9.68
C LEU C 75 -19.63 -4.76 8.33
N THR C 76 -20.04 -3.71 7.63
CA THR C 76 -20.77 -3.84 6.38
C THR C 76 -19.83 -3.54 5.22
N ILE C 77 -19.69 -4.49 4.30
CA ILE C 77 -18.95 -4.32 3.06
C ILE C 77 -19.98 -4.21 1.96
N SER C 78 -20.17 -2.99 1.45
CA SER C 78 -21.09 -2.70 0.36
C SER C 78 -20.31 -2.65 -0.95
N ASN C 79 -20.87 -3.28 -1.99
CA ASN C 79 -20.21 -3.42 -3.28
C ASN C 79 -18.87 -4.16 -3.13
N VAL C 80 -18.97 -5.42 -2.69
CA VAL C 80 -17.79 -6.21 -2.42
C VAL C 80 -16.99 -6.41 -3.70
N GLN C 81 -15.68 -6.30 -3.59
CA GLN C 81 -14.77 -6.50 -4.71
C GLN C 81 -13.98 -7.79 -4.51
N SER C 82 -13.19 -8.14 -5.53
CA SER C 82 -12.41 -9.37 -5.47
C SER C 82 -11.36 -9.31 -4.37
N GLU C 83 -10.69 -8.17 -4.22
CA GLU C 83 -9.66 -8.02 -3.20
C GLU C 83 -10.26 -8.01 -1.80
N ASP C 84 -11.56 -7.75 -1.66
CA ASP C 84 -12.17 -7.65 -0.34
C ASP C 84 -12.13 -8.99 0.39
N LEU C 85 -12.19 -10.09 -0.35
CA LEU C 85 -12.19 -11.41 0.25
C LEU C 85 -10.90 -11.66 1.02
N ALA C 86 -11.02 -11.75 2.34
CA ALA C 86 -9.93 -11.90 3.29
C ALA C 86 -10.59 -12.20 4.63
N GLU C 87 -9.79 -12.31 5.68
CA GLU C 87 -10.36 -12.61 6.98
C GLU C 87 -10.56 -11.35 7.80
N TYR C 88 -11.72 -11.25 8.44
CA TYR C 88 -12.09 -10.07 9.20
C TYR C 88 -12.25 -10.43 10.67
N PHE C 89 -11.63 -9.66 11.55
CA PHE C 89 -11.75 -9.87 12.98
C PHE C 89 -12.19 -8.59 13.66
N CYS C 90 -12.93 -8.76 14.76
CA CYS C 90 -13.34 -7.66 15.62
C CYS C 90 -12.57 -7.75 16.94
N GLN C 91 -12.08 -6.60 17.39
CA GLN C 91 -11.30 -6.50 18.61
C GLN C 91 -11.87 -5.41 19.50
N GLN C 92 -12.05 -5.70 20.77
CA GLN C 92 -12.53 -4.70 21.71
C GLN C 92 -11.34 -4.17 22.50
N TYR C 93 -11.28 -2.85 22.65
CA TYR C 93 -10.29 -2.20 23.49
C TYR C 93 -10.94 -1.37 24.59
N ASN C 94 -12.19 -1.70 24.95
CA ASN C 94 -12.88 -1.01 26.04
C ASN C 94 -12.22 -1.30 27.38
N SER C 95 -11.76 -2.53 27.59
CA SER C 95 -11.16 -2.91 28.87
C SER C 95 -10.21 -4.08 28.66
N TYR C 96 -9.23 -4.19 29.55
CA TYR C 96 -8.28 -5.28 29.53
C TYR C 96 -8.92 -6.55 30.11
N PRO C 97 -8.49 -7.74 29.65
CA PRO C 97 -7.55 -7.94 28.54
C PRO C 97 -8.15 -7.67 27.18
N LEU C 98 -7.33 -7.24 26.23
CA LEU C 98 -7.78 -7.01 24.87
C LEU C 98 -8.01 -8.34 24.17
N THR C 99 -9.17 -8.50 23.54
CA THR C 99 -9.56 -9.76 22.96
C THR C 99 -9.90 -9.58 21.48
N PHE C 100 -9.82 -10.68 20.74
CA PHE C 100 -10.06 -10.72 19.31
C PHE C 100 -11.22 -11.65 18.99
N GLY C 101 -11.79 -11.48 17.80
CA GLY C 101 -12.85 -12.36 17.35
C GLY C 101 -12.32 -13.68 16.83
N ALA C 102 -13.26 -14.59 16.54
CA ALA C 102 -12.90 -15.89 15.99
C ALA C 102 -12.29 -15.74 14.60
N GLY C 103 -12.90 -14.93 13.75
CA GLY C 103 -12.41 -14.71 12.39
C GLY C 103 -13.44 -15.16 11.36
N THR C 104 -13.68 -14.29 10.38
CA THR C 104 -14.62 -14.56 9.30
C THR C 104 -13.87 -14.51 7.97
N LYS C 105 -13.79 -15.65 7.29
CA LYS C 105 -13.15 -15.70 5.98
C LYS C 105 -14.19 -15.52 4.89
N LEU C 106 -13.92 -14.60 3.97
CA LEU C 106 -14.85 -14.31 2.88
C LEU C 106 -14.31 -14.93 1.61
N GLU C 107 -15.06 -15.86 1.02
CA GLU C 107 -14.69 -16.50 -0.22
C GLU C 107 -15.88 -16.48 -1.17
N LEU C 108 -15.60 -16.74 -2.45
CA LEU C 108 -16.66 -16.77 -3.44
C LEU C 108 -17.44 -18.08 -3.36
N LYS C 109 -18.72 -18.01 -3.70
CA LYS C 109 -19.57 -19.20 -3.66
C LYS C 109 -19.06 -20.23 -4.67
N THR C 110 -18.99 -21.48 -4.23
CA THR C 110 -18.52 -22.56 -5.09
C THR C 110 -19.62 -23.03 -6.03
N LEU D 12 0.11 -46.24 -52.77
CA LEU D 12 1.33 -46.60 -52.04
C LEU D 12 2.57 -46.07 -52.74
N LEU D 13 2.38 -45.46 -53.91
CA LEU D 13 3.47 -44.81 -54.62
C LEU D 13 3.49 -43.34 -54.23
N GLY D 14 4.59 -42.89 -53.64
CA GLY D 14 4.67 -41.56 -53.06
C GLY D 14 5.81 -40.74 -53.66
N ASN D 15 5.56 -39.43 -53.77
CA ASN D 15 6.61 -38.51 -54.18
C ASN D 15 7.65 -38.39 -53.06
N ARG D 16 8.92 -38.37 -53.45
CA ARG D 16 10.00 -38.35 -52.48
C ARG D 16 9.90 -37.13 -51.57
N TRP D 17 9.48 -35.99 -52.11
CA TRP D 17 9.34 -34.76 -51.34
C TRP D 17 8.10 -34.75 -50.46
N PHE D 18 7.08 -35.53 -50.83
CA PHE D 18 5.84 -35.59 -50.06
C PHE D 18 6.08 -36.06 -48.64
N TYR D 19 6.90 -37.10 -48.45
CA TYR D 19 7.12 -37.61 -47.10
C TYR D 19 7.99 -36.66 -46.29
N LEU D 20 8.88 -35.91 -46.95
CA LEU D 20 9.59 -34.83 -46.25
C LEU D 20 8.61 -33.77 -45.76
N VAL D 21 7.64 -33.41 -46.60
CA VAL D 21 6.62 -32.45 -46.20
C VAL D 21 5.83 -32.97 -45.00
N LEU D 22 5.51 -34.27 -45.01
CA LEU D 22 4.77 -34.86 -43.88
C LEU D 22 5.61 -34.85 -42.61
N ALA D 23 6.92 -35.11 -42.72
CA ALA D 23 7.79 -35.04 -41.56
C ALA D 23 7.84 -33.62 -41.01
N VAL D 24 7.90 -32.62 -41.89
CA VAL D 24 7.89 -31.23 -41.45
C VAL D 24 6.56 -30.92 -40.74
N LEU D 25 5.46 -31.47 -41.26
CA LEU D 25 4.17 -31.28 -40.60
C LEU D 25 4.17 -31.87 -39.20
N LEU D 26 4.74 -33.08 -39.04
CA LEU D 26 4.83 -33.69 -37.72
C LEU D 26 5.65 -32.82 -36.76
N MET D 27 6.77 -32.29 -37.26
CA MET D 27 7.59 -31.40 -36.43
C MET D 27 6.82 -30.16 -36.01
N CYS D 28 6.09 -29.56 -36.95
CA CYS D 28 5.31 -28.37 -36.62
C CYS D 28 4.20 -28.69 -35.62
N MET D 29 3.65 -29.90 -35.68
CA MET D 29 2.59 -30.27 -34.74
C MET D 29 3.14 -30.57 -33.35
N ILE D 30 4.37 -31.09 -33.24
CA ILE D 30 4.93 -31.38 -31.92
C ILE D 30 5.77 -30.25 -31.34
N SER D 31 6.03 -29.19 -32.10
CA SER D 31 6.80 -28.06 -31.57
C SER D 31 6.09 -27.35 -30.42
N GLY D 32 4.76 -27.46 -30.36
CA GLY D 32 4.00 -26.74 -29.35
C GLY D 32 4.33 -27.15 -27.93
N VAL D 33 4.64 -28.43 -27.71
CA VAL D 33 4.93 -28.90 -26.36
C VAL D 33 6.14 -28.18 -25.78
N GLN D 34 7.21 -28.06 -26.58
CA GLN D 34 8.41 -27.39 -26.07
C GLN D 34 8.26 -25.88 -26.09
N TYR D 35 7.76 -25.31 -27.19
CA TYR D 35 7.83 -23.86 -27.36
C TYR D 35 6.58 -23.11 -26.91
N SER D 36 5.53 -23.78 -26.43
CA SER D 36 4.39 -23.06 -25.87
C SER D 36 4.45 -22.99 -24.35
N TRP D 37 5.47 -23.55 -23.70
CA TRP D 37 5.43 -23.63 -22.25
C TRP D 37 5.52 -22.27 -21.59
N THR D 38 6.16 -21.28 -22.22
CA THR D 38 6.25 -19.97 -21.59
C THR D 38 4.87 -19.37 -21.34
N LEU D 39 3.95 -19.53 -22.28
CA LEU D 39 2.60 -19.00 -22.10
C LEU D 39 1.84 -19.72 -21.00
N TYR D 40 1.94 -21.05 -20.93
CA TYR D 40 1.18 -21.78 -19.93
C TYR D 40 1.84 -21.81 -18.56
N ALA D 41 3.12 -21.45 -18.46
CA ALA D 41 3.85 -21.63 -17.21
C ALA D 41 3.21 -20.86 -16.08
N ASN D 42 2.93 -19.56 -16.30
CA ASN D 42 2.33 -18.76 -15.24
C ASN D 42 0.91 -19.19 -14.92
N PRO D 43 0.00 -19.39 -15.88
CA PRO D 43 -1.35 -19.84 -15.51
C PRO D 43 -1.39 -21.25 -14.90
N VAL D 44 -0.61 -22.18 -15.44
CA VAL D 44 -0.57 -23.52 -14.85
C VAL D 44 -0.07 -23.44 -13.42
N LYS D 45 0.95 -22.63 -13.17
CA LYS D 45 1.37 -22.39 -11.80
C LYS D 45 0.24 -21.77 -10.98
N ASP D 46 -0.50 -20.84 -11.58
CA ASP D 46 -1.59 -20.17 -10.87
C ASP D 46 -2.64 -21.18 -10.40
N ASN D 47 -2.83 -22.25 -11.16
CA ASN D 47 -3.72 -23.32 -10.72
C ASN D 47 -3.10 -24.14 -9.60
N LEU D 48 -1.77 -24.18 -9.54
CA LEU D 48 -1.00 -25.02 -8.62
C LEU D 48 -0.09 -24.19 -7.71
N GLY D 49 0.92 -24.83 -7.12
CA GLY D 49 1.83 -24.12 -6.23
C GLY D 49 2.95 -23.37 -6.92
N VAL D 50 4.18 -23.50 -6.41
CA VAL D 50 5.30 -22.68 -6.86
C VAL D 50 5.61 -22.93 -8.34
N SER D 51 5.94 -21.85 -9.06
CA SER D 51 6.35 -21.93 -10.47
C SER D 51 7.64 -22.69 -10.66
N LEU D 52 8.73 -22.13 -10.13
CA LEU D 52 10.08 -22.60 -10.42
C LEU D 52 10.22 -24.08 -10.10
N ALA D 53 9.53 -24.55 -9.06
CA ALA D 53 9.56 -25.99 -8.77
C ALA D 53 8.65 -26.71 -9.76
N ALA D 54 7.34 -26.44 -9.68
CA ALA D 54 6.36 -27.30 -10.32
C ALA D 54 6.47 -27.25 -11.84
N VAL D 55 6.22 -26.09 -12.44
CA VAL D 55 6.09 -26.04 -13.89
C VAL D 55 7.45 -26.26 -14.55
N GLN D 56 8.52 -25.72 -13.96
CA GLN D 56 9.82 -25.86 -14.58
C GLN D 56 10.37 -27.28 -14.43
N THR D 57 10.09 -27.95 -13.31
CA THR D 57 10.48 -29.35 -13.20
C THR D 57 9.64 -30.23 -14.11
N ALA D 58 8.38 -29.89 -14.32
CA ALA D 58 7.57 -30.62 -15.30
C ALA D 58 8.16 -30.49 -16.69
N PHE D 59 8.54 -29.27 -17.08
CA PHE D 59 9.17 -29.08 -18.39
C PHE D 59 10.49 -29.81 -18.48
N THR D 60 11.29 -29.79 -17.41
CA THR D 60 12.58 -30.47 -17.42
C THR D 60 12.40 -31.98 -17.57
N LEU D 61 11.42 -32.55 -16.85
CA LEU D 61 11.15 -33.98 -16.98
C LEU D 61 10.65 -34.32 -18.38
N SER D 62 9.79 -33.47 -18.94
CA SER D 62 9.30 -33.72 -20.30
C SER D 62 10.43 -33.66 -21.32
N GLN D 63 11.44 -32.81 -21.08
CA GLN D 63 12.56 -32.74 -21.99
C GLN D 63 13.52 -33.91 -21.79
N VAL D 64 13.70 -34.35 -20.55
CA VAL D 64 14.66 -35.41 -20.25
C VAL D 64 14.13 -36.76 -20.70
N ILE D 65 12.82 -37.00 -20.58
CA ILE D 65 12.24 -38.29 -20.90
C ILE D 65 12.48 -38.66 -22.37
N GLN D 66 12.76 -37.68 -23.22
CA GLN D 66 13.01 -37.96 -24.63
C GLN D 66 14.24 -38.84 -24.82
N ALA D 67 15.21 -38.74 -23.91
CA ALA D 67 16.44 -39.54 -24.01
C ALA D 67 16.17 -41.03 -23.94
N GLY D 68 15.06 -41.45 -23.33
CA GLY D 68 14.69 -42.84 -23.33
C GLY D 68 13.53 -43.11 -24.27
N SER D 69 12.77 -42.05 -24.58
CA SER D 69 11.63 -42.19 -25.47
C SER D 69 12.08 -42.45 -26.91
N GLN D 70 13.02 -41.65 -27.41
CA GLN D 70 13.40 -41.73 -28.81
C GLN D 70 14.16 -43.01 -29.16
N PRO D 71 15.08 -43.51 -28.32
CA PRO D 71 15.74 -44.79 -28.67
C PRO D 71 14.77 -45.97 -28.80
N GLY D 72 13.85 -46.14 -27.86
CA GLY D 72 12.90 -47.24 -27.96
C GLY D 72 11.96 -47.08 -29.14
N GLY D 73 11.46 -45.86 -29.36
CA GLY D 73 10.66 -45.60 -30.54
C GLY D 73 11.41 -45.88 -31.83
N GLY D 74 12.71 -45.57 -31.84
CA GLY D 74 13.51 -45.87 -33.02
C GLY D 74 13.71 -47.35 -33.23
N TYR D 75 13.90 -48.11 -32.15
CA TYR D 75 13.93 -49.57 -32.25
C TYR D 75 12.65 -50.10 -32.87
N PHE D 76 11.50 -49.66 -32.35
CA PHE D 76 10.23 -50.14 -32.88
C PHE D 76 9.98 -49.65 -34.29
N VAL D 77 10.53 -48.48 -34.66
CA VAL D 77 10.42 -48.01 -36.03
C VAL D 77 11.22 -48.91 -36.96
N ASP D 78 12.48 -49.17 -36.59
CA ASP D 78 13.32 -50.05 -37.39
C ASP D 78 12.70 -51.42 -37.54
N LYS D 79 11.90 -51.86 -36.56
CA LYS D 79 11.27 -53.17 -36.67
C LYS D 79 10.00 -53.12 -37.53
N PHE D 80 9.04 -52.28 -37.16
CA PHE D 80 7.70 -52.34 -37.72
C PHE D 80 7.37 -51.20 -38.67
N GLY D 81 8.37 -50.51 -39.24
CA GLY D 81 8.07 -49.39 -40.08
C GLY D 81 7.65 -48.20 -39.24
N PRO D 82 7.29 -47.09 -39.88
CA PRO D 82 6.89 -45.89 -39.13
C PRO D 82 5.41 -45.84 -38.76
N ARG D 83 4.60 -46.79 -39.27
CA ARG D 83 3.15 -46.71 -39.12
C ARG D 83 2.69 -46.77 -37.67
N ILE D 84 2.90 -47.91 -37.01
CA ILE D 84 2.44 -48.11 -35.63
C ILE D 84 3.14 -47.18 -34.64
N PRO D 85 4.48 -47.04 -34.69
CA PRO D 85 5.12 -46.13 -33.72
C PRO D 85 4.64 -44.69 -33.79
N LEU D 86 4.32 -44.18 -34.98
CA LEU D 86 3.82 -42.81 -35.04
C LEU D 86 2.44 -42.71 -34.43
N MET D 87 1.60 -43.74 -34.59
CA MET D 87 0.33 -43.78 -33.87
C MET D 87 0.56 -43.74 -32.37
N PHE D 88 1.53 -44.50 -31.88
CA PHE D 88 1.83 -44.49 -30.45
C PHE D 88 2.25 -43.10 -29.99
N GLY D 89 3.15 -42.45 -30.74
CA GLY D 89 3.59 -41.13 -30.37
C GLY D 89 2.48 -40.09 -30.37
N GLY D 90 1.62 -40.14 -31.40
CA GLY D 90 0.51 -39.21 -31.46
C GLY D 90 -0.49 -39.43 -30.35
N ALA D 91 -0.81 -40.69 -30.06
CA ALA D 91 -1.72 -41.00 -28.96
C ALA D 91 -1.14 -40.54 -27.62
N MET D 92 0.17 -40.70 -27.44
CA MET D 92 0.80 -40.27 -26.20
C MET D 92 0.75 -38.75 -26.05
N VAL D 93 1.07 -38.02 -27.13
CA VAL D 93 0.98 -36.56 -27.09
C VAL D 93 -0.45 -36.15 -26.78
N LEU D 94 -1.42 -36.78 -27.43
CA LEU D 94 -2.83 -36.51 -27.16
C LEU D 94 -3.16 -36.70 -25.68
N ALA D 95 -2.95 -37.91 -25.16
CA ALA D 95 -3.35 -38.22 -23.80
C ALA D 95 -2.59 -37.42 -22.76
N GLY D 96 -1.38 -36.95 -23.08
CA GLY D 96 -0.62 -36.17 -22.13
C GLY D 96 -0.92 -34.69 -22.14
N TRP D 97 -0.79 -34.06 -23.30
CA TRP D 97 -0.88 -32.60 -23.37
C TRP D 97 -2.31 -32.08 -23.25
N THR D 98 -3.32 -32.91 -23.57
CA THR D 98 -4.69 -32.43 -23.58
C THR D 98 -5.18 -32.04 -22.19
N PHE D 99 -4.87 -32.87 -21.18
CA PHE D 99 -5.46 -32.71 -19.85
C PHE D 99 -4.52 -32.03 -18.86
N MET D 100 -3.43 -31.43 -19.32
CA MET D 100 -2.52 -30.74 -18.41
C MET D 100 -3.17 -29.51 -17.79
N GLY D 101 -4.21 -28.96 -18.40
CA GLY D 101 -4.96 -27.86 -17.82
C GLY D 101 -6.12 -28.28 -16.95
N MET D 102 -6.39 -29.58 -16.85
CA MET D 102 -7.50 -30.10 -16.08
C MET D 102 -7.05 -30.94 -14.90
N VAL D 103 -5.75 -30.97 -14.60
CA VAL D 103 -5.21 -31.74 -13.49
C VAL D 103 -5.23 -30.87 -12.24
N ASP D 104 -5.57 -31.49 -11.11
CA ASP D 104 -5.62 -30.82 -9.83
C ASP D 104 -4.42 -31.10 -8.95
N SER D 105 -3.56 -32.04 -9.35
CA SER D 105 -2.38 -32.40 -8.57
C SER D 105 -1.12 -32.09 -9.36
N VAL D 106 -0.05 -31.77 -8.63
CA VAL D 106 1.26 -31.50 -9.22
C VAL D 106 1.85 -32.79 -9.78
N PRO D 107 1.82 -33.93 -9.05
CA PRO D 107 2.31 -35.18 -9.67
C PRO D 107 1.57 -35.57 -10.93
N ALA D 108 0.25 -35.30 -10.99
CA ALA D 108 -0.49 -35.56 -12.22
C ALA D 108 0.03 -34.70 -13.37
N LEU D 109 0.34 -33.43 -13.08
CA LEU D 109 0.96 -32.58 -14.09
C LEU D 109 2.29 -33.14 -14.55
N TYR D 110 3.12 -33.59 -13.62
CA TYR D 110 4.39 -34.21 -13.98
C TYR D 110 4.17 -35.41 -14.90
N ALA D 111 3.24 -36.29 -14.53
CA ALA D 111 3.02 -37.50 -15.32
C ALA D 111 2.53 -37.18 -16.72
N LEU D 112 1.56 -36.26 -16.83
CA LEU D 112 1.02 -35.93 -18.15
C LEU D 112 2.07 -35.23 -19.01
N TYR D 113 2.87 -34.33 -18.41
CA TYR D 113 3.89 -33.65 -19.19
C TYR D 113 4.98 -34.62 -19.64
N THR D 114 5.33 -35.60 -18.79
CA THR D 114 6.30 -36.61 -19.21
C THR D 114 5.76 -37.47 -20.34
N LEU D 115 4.47 -37.85 -20.26
CA LEU D 115 3.86 -38.61 -21.36
C LEU D 115 3.91 -37.81 -22.66
N ALA D 116 3.53 -36.54 -22.59
CA ALA D 116 3.55 -35.69 -23.79
C ALA D 116 4.96 -35.53 -24.33
N GLY D 117 5.94 -35.35 -23.46
CA GLY D 117 7.32 -35.19 -23.90
C GLY D 117 7.87 -36.45 -24.54
N ALA D 118 7.52 -37.61 -24.00
CA ALA D 118 7.94 -38.86 -24.61
C ALA D 118 7.32 -39.03 -25.99
N GLY D 119 6.02 -38.72 -26.12
CA GLY D 119 5.40 -38.74 -27.43
C GLY D 119 6.08 -37.79 -28.40
N VAL D 120 6.43 -36.60 -27.93
CA VAL D 120 7.08 -35.61 -28.78
C VAL D 120 8.44 -36.11 -29.25
N GLY D 121 9.22 -36.71 -28.34
CA GLY D 121 10.48 -37.29 -28.73
C GLY D 121 10.32 -38.38 -29.77
N ILE D 122 9.32 -39.25 -29.60
CA ILE D 122 9.07 -40.31 -30.58
C ILE D 122 8.75 -39.71 -31.94
N VAL D 123 7.87 -38.72 -31.97
CA VAL D 123 7.45 -38.15 -33.26
C VAL D 123 8.60 -37.41 -33.91
N TYR D 124 9.40 -36.70 -33.12
CA TYR D 124 10.58 -36.01 -33.67
C TYR D 124 11.54 -37.01 -34.29
N GLY D 125 11.83 -38.11 -33.58
CA GLY D 125 12.70 -39.13 -34.14
C GLY D 125 12.15 -39.73 -35.41
N ILE D 126 10.84 -39.97 -35.44
CA ILE D 126 10.23 -40.57 -36.63
C ILE D 126 10.32 -39.63 -37.81
N ALA D 127 10.01 -38.34 -37.61
CA ALA D 127 10.09 -37.38 -38.70
C ALA D 127 11.52 -37.24 -39.21
N MET D 128 12.49 -37.14 -38.30
CA MET D 128 13.88 -37.00 -38.71
C MET D 128 14.35 -38.24 -39.47
N ASN D 129 14.00 -39.43 -38.99
CA ASN D 129 14.42 -40.65 -39.66
C ASN D 129 13.75 -40.79 -41.02
N THR D 130 12.48 -40.40 -41.14
CA THR D 130 11.82 -40.43 -42.44
C THR D 130 12.50 -39.50 -43.41
N ALA D 131 12.83 -38.29 -42.97
CA ALA D 131 13.54 -37.35 -43.84
C ALA D 131 14.89 -37.90 -44.26
N ASN D 132 15.64 -38.50 -43.33
CA ASN D 132 16.95 -39.04 -43.66
C ASN D 132 16.85 -40.22 -44.62
N ARG D 133 15.86 -41.09 -44.42
CA ARG D 133 15.74 -42.27 -45.27
C ARG D 133 15.28 -41.90 -46.67
N TRP D 134 14.30 -41.00 -46.79
CA TRP D 134 13.77 -40.66 -48.11
C TRP D 134 14.72 -39.79 -48.93
N PHE D 135 15.75 -39.22 -48.32
CA PHE D 135 16.73 -38.41 -49.03
C PHE D 135 18.14 -38.81 -48.63
N PRO D 136 18.60 -39.99 -49.06
CA PRO D 136 20.00 -40.37 -48.79
C PRO D 136 21.00 -39.45 -49.47
N ASP D 137 20.61 -38.77 -50.56
CA ASP D 137 21.49 -37.86 -51.27
C ASP D 137 21.38 -36.42 -50.77
N LYS D 138 20.32 -36.10 -50.02
CA LYS D 138 20.11 -34.78 -49.44
C LYS D 138 19.76 -34.90 -47.97
N ARG D 139 20.55 -35.71 -47.24
CA ARG D 139 20.27 -35.94 -45.82
C ARG D 139 20.38 -34.65 -45.02
N GLY D 140 21.42 -33.85 -45.28
CA GLY D 140 21.56 -32.59 -44.57
C GLY D 140 20.39 -31.66 -44.79
N LEU D 141 19.97 -31.51 -46.05
CA LEU D 141 18.90 -30.57 -46.36
C LEU D 141 17.56 -31.02 -45.76
N ALA D 142 17.23 -32.30 -45.88
CA ALA D 142 15.98 -32.80 -45.31
C ALA D 142 15.99 -32.70 -43.79
N SER D 143 17.11 -33.05 -43.15
CA SER D 143 17.22 -32.92 -41.71
C SER D 143 17.07 -31.46 -41.28
N GLY D 144 17.66 -30.55 -42.05
CA GLY D 144 17.53 -29.14 -41.74
C GLY D 144 16.09 -28.65 -41.87
N PHE D 145 15.39 -29.09 -42.91
CA PHE D 145 14.00 -28.69 -43.07
C PHE D 145 13.14 -29.21 -41.92
N THR D 146 13.35 -30.47 -41.51
CA THR D 146 12.59 -31.00 -40.39
C THR D 146 12.91 -30.27 -39.09
N ALA D 147 14.19 -29.97 -38.85
CA ALA D 147 14.56 -29.26 -37.63
C ALA D 147 14.00 -27.84 -37.64
N ALA D 148 13.95 -27.19 -38.81
CA ALA D 148 13.34 -25.88 -38.92
C ALA D 148 11.83 -25.95 -38.67
N GLY D 149 11.18 -26.99 -39.16
CA GLY D 149 9.77 -27.18 -38.88
C GLY D 149 9.50 -27.37 -37.40
N TYR D 150 10.40 -28.08 -36.71
CA TYR D 150 10.25 -28.22 -35.26
C TYR D 150 10.56 -26.92 -34.54
N GLY D 151 11.44 -26.08 -35.10
CA GLY D 151 11.78 -24.83 -34.46
C GLY D 151 10.76 -23.72 -34.68
N LEU D 152 10.21 -23.64 -35.88
CA LEU D 152 9.29 -22.57 -36.26
C LEU D 152 7.84 -23.01 -36.30
N GLY D 153 7.53 -24.22 -35.82
CA GLY D 153 6.20 -24.78 -35.96
C GLY D 153 5.08 -23.98 -35.33
N VAL D 154 5.19 -23.70 -34.03
CA VAL D 154 4.10 -23.07 -33.28
C VAL D 154 4.22 -21.55 -33.30
N LEU D 155 5.30 -21.01 -33.85
CA LEU D 155 5.54 -19.57 -33.79
C LEU D 155 4.42 -18.74 -34.41
N PRO D 156 3.86 -19.08 -35.58
CA PRO D 156 2.81 -18.20 -36.14
C PRO D 156 1.57 -18.07 -35.27
N PHE D 157 1.08 -19.14 -34.66
CA PHE D 157 -0.16 -19.09 -33.90
C PHE D 157 0.06 -19.05 -32.39
N LEU D 158 1.26 -18.68 -31.94
CA LEU D 158 1.47 -18.48 -30.51
C LEU D 158 0.56 -17.38 -29.97
N PRO D 159 0.39 -16.23 -30.62
CA PRO D 159 -0.61 -15.26 -30.14
C PRO D 159 -2.01 -15.84 -30.05
N LEU D 160 -2.39 -16.72 -30.98
CA LEU D 160 -3.73 -17.31 -30.94
C LEU D 160 -3.94 -18.14 -29.68
N ILE D 161 -2.98 -19.01 -29.35
CA ILE D 161 -3.12 -19.80 -28.13
C ILE D 161 -3.01 -18.91 -26.89
N SER D 162 -2.25 -17.82 -26.98
CA SER D 162 -2.24 -16.86 -25.87
C SER D 162 -3.61 -16.24 -25.66
N SER D 163 -4.28 -15.86 -26.76
CA SER D 163 -5.64 -15.33 -26.67
C SER D 163 -6.61 -16.37 -26.11
N VAL D 164 -6.46 -17.62 -26.53
CA VAL D 164 -7.31 -18.69 -26.00
C VAL D 164 -7.11 -18.82 -24.50
N LEU D 165 -5.86 -18.76 -24.04
CA LEU D 165 -5.58 -18.80 -22.60
C LEU D 165 -6.20 -17.61 -21.90
N LYS D 166 -6.10 -16.43 -22.50
CA LYS D 166 -6.64 -15.22 -21.88
C LYS D 166 -8.16 -15.27 -21.74
N VAL D 167 -8.85 -15.82 -22.74
CA VAL D 167 -10.30 -15.73 -22.78
C VAL D 167 -10.96 -16.98 -22.20
N GLU D 168 -10.68 -18.14 -22.80
CA GLU D 168 -11.44 -19.35 -22.49
C GLU D 168 -10.85 -20.19 -21.37
N GLY D 169 -9.64 -19.88 -20.91
CA GLY D 169 -9.08 -20.55 -19.75
C GLY D 169 -7.89 -21.41 -20.12
N VAL D 170 -7.30 -22.00 -19.08
CA VAL D 170 -6.11 -22.84 -19.27
C VAL D 170 -6.49 -24.26 -19.68
N GLY D 171 -7.50 -24.84 -19.03
CA GLY D 171 -7.90 -26.19 -19.39
C GLY D 171 -8.42 -26.30 -20.81
N ALA D 172 -9.21 -25.30 -21.24
CA ALA D 172 -9.72 -25.30 -22.61
C ALA D 172 -8.59 -25.19 -23.62
N ALA D 173 -7.60 -24.33 -23.36
CA ALA D 173 -6.48 -24.18 -24.28
C ALA D 173 -5.67 -25.47 -24.37
N PHE D 174 -5.36 -26.07 -23.22
CA PHE D 174 -4.66 -27.35 -23.22
C PHE D 174 -5.45 -28.40 -23.99
N MET D 175 -6.77 -28.46 -23.78
CA MET D 175 -7.59 -29.45 -24.46
C MET D 175 -7.55 -29.26 -25.97
N TYR D 176 -7.76 -28.03 -26.43
CA TYR D 176 -7.73 -27.75 -27.86
C TYR D 176 -6.38 -28.12 -28.46
N THR D 177 -5.29 -27.66 -27.85
CA THR D 177 -3.97 -27.90 -28.43
C THR D 177 -3.65 -29.39 -28.45
N GLY D 178 -3.92 -30.10 -27.35
CA GLY D 178 -3.66 -31.52 -27.32
C GLY D 178 -4.49 -32.29 -28.34
N LEU D 179 -5.78 -31.94 -28.46
CA LEU D 179 -6.63 -32.62 -29.44
C LEU D 179 -6.12 -32.39 -30.85
N ILE D 180 -5.79 -31.15 -31.20
CA ILE D 180 -5.32 -30.86 -32.55
C ILE D 180 -4.04 -31.64 -32.83
N MET D 181 -3.06 -31.56 -31.93
CA MET D 181 -1.79 -32.22 -32.16
C MET D 181 -1.97 -33.72 -32.29
N GLY D 182 -2.65 -34.35 -31.33
CA GLY D 182 -2.81 -35.79 -31.36
C GLY D 182 -3.56 -36.28 -32.59
N ILE D 183 -4.70 -35.65 -32.89
CA ILE D 183 -5.52 -36.10 -34.00
C ILE D 183 -4.77 -35.93 -35.32
N LEU D 184 -4.11 -34.78 -35.52
CA LEU D 184 -3.41 -34.57 -36.78
C LEU D 184 -2.24 -35.53 -36.93
N ILE D 185 -1.49 -35.77 -35.85
CA ILE D 185 -0.37 -36.71 -35.93
C ILE D 185 -0.88 -38.11 -36.25
N ILE D 186 -1.97 -38.54 -35.59
CA ILE D 186 -2.48 -39.89 -35.82
C ILE D 186 -3.01 -40.03 -37.24
N LEU D 187 -3.64 -38.99 -37.77
CA LEU D 187 -4.11 -39.04 -39.14
C LEU D 187 -2.94 -39.07 -40.13
N ILE D 188 -1.84 -38.39 -39.82
CA ILE D 188 -0.66 -38.48 -40.65
C ILE D 188 -0.04 -39.87 -40.56
N ALA D 189 -0.20 -40.56 -39.43
CA ALA D 189 0.43 -41.87 -39.26
C ALA D 189 -0.02 -42.88 -40.30
N PHE D 190 -1.26 -42.76 -40.78
CA PHE D 190 -1.74 -43.66 -41.81
C PHE D 190 -1.04 -43.46 -43.14
N VAL D 191 -0.44 -42.30 -43.36
CA VAL D 191 0.00 -41.86 -44.68
C VAL D 191 1.47 -42.12 -44.93
N ILE D 192 2.34 -41.79 -43.95
CA ILE D 192 3.77 -41.81 -44.20
C ILE D 192 4.27 -43.22 -44.49
N ARG D 193 5.37 -43.31 -45.24
CA ARG D 193 6.00 -44.56 -45.58
C ARG D 193 7.49 -44.33 -45.73
N PHE D 194 8.25 -45.42 -45.70
CA PHE D 194 9.70 -45.40 -45.86
C PHE D 194 10.07 -45.71 -47.30
N PRO D 195 11.28 -45.32 -47.75
CA PRO D 195 11.70 -45.71 -49.11
C PRO D 195 11.76 -47.22 -49.26
N GLY D 196 12.28 -47.91 -48.24
CA GLY D 196 12.24 -49.36 -48.14
C GLY D 196 11.61 -49.76 -46.83
N GLN D 197 10.44 -50.39 -46.86
CA GLN D 197 9.77 -50.74 -45.62
C GLN D 197 10.38 -51.98 -45.01
N GLN D 198 10.54 -51.97 -43.69
CA GLN D 198 11.20 -53.05 -42.97
C GLN D 198 10.21 -53.92 -42.22
N ILE D 204 16.07 -55.29 -42.37
CA ILE D 204 16.32 -55.77 -43.72
C ILE D 204 17.71 -56.41 -43.85
N VAL D 205 18.50 -55.97 -44.82
CA VAL D 205 19.81 -56.52 -45.10
C VAL D 205 20.84 -55.60 -44.45
N VAL D 206 21.38 -56.04 -43.31
CA VAL D 206 22.42 -55.29 -42.61
C VAL D 206 23.74 -55.48 -43.34
N THR D 207 24.45 -54.38 -43.57
CA THR D 207 25.73 -54.39 -44.28
C THR D 207 26.86 -54.01 -43.33
N ASP D 208 28.08 -54.05 -43.85
CA ASP D 208 29.26 -53.74 -43.04
C ASP D 208 29.20 -52.30 -42.54
N LYS D 209 28.73 -51.38 -43.38
CA LYS D 209 28.66 -49.97 -43.02
C LYS D 209 27.41 -49.65 -42.20
N ASP D 210 26.49 -50.60 -42.04
CA ASP D 210 25.30 -50.42 -41.23
C ASP D 210 25.61 -50.83 -39.80
N PHE D 211 25.58 -49.88 -38.87
CA PHE D 211 25.95 -50.13 -37.49
C PHE D 211 24.72 -50.28 -36.62
N ASN D 212 24.82 -51.18 -35.64
CA ASN D 212 23.79 -51.28 -34.61
C ASN D 212 24.02 -50.24 -33.53
N SER D 213 22.96 -49.92 -32.80
CA SER D 213 23.04 -48.89 -31.76
C SER D 213 24.02 -49.30 -30.67
N GLY D 214 23.90 -50.53 -30.16
CA GLY D 214 24.87 -51.01 -29.18
C GLY D 214 26.28 -51.07 -29.75
N GLU D 215 26.41 -51.49 -31.01
CA GLU D 215 27.71 -51.47 -31.66
C GLU D 215 28.20 -50.05 -31.87
N MET D 216 27.29 -49.11 -32.14
CA MET D 216 27.67 -47.71 -32.26
C MET D 216 28.24 -47.18 -30.94
N LEU D 217 27.65 -47.59 -29.82
CA LEU D 217 28.08 -47.11 -28.51
C LEU D 217 29.50 -47.54 -28.14
N ARG D 218 30.21 -48.23 -29.04
CA ARG D 218 31.59 -48.66 -28.79
C ARG D 218 32.62 -47.80 -29.52
N THR D 219 32.21 -47.00 -30.49
CA THR D 219 33.15 -46.23 -31.30
C THR D 219 33.48 -44.89 -30.65
N PRO D 220 34.72 -44.43 -30.77
CA PRO D 220 35.05 -43.09 -30.26
C PRO D 220 34.42 -41.97 -31.08
N GLN D 221 34.13 -42.20 -32.36
CA GLN D 221 33.50 -41.17 -33.17
C GLN D 221 32.14 -40.79 -32.61
N PHE D 222 31.34 -41.78 -32.21
CA PHE D 222 30.05 -41.50 -31.60
C PHE D 222 30.21 -40.60 -30.38
N TRP D 223 31.17 -40.91 -29.52
CA TRP D 223 31.30 -40.16 -28.27
C TRP D 223 31.82 -38.74 -28.53
N VAL D 224 32.72 -38.59 -29.50
CA VAL D 224 33.17 -37.24 -29.86
C VAL D 224 32.00 -36.41 -30.36
N LEU D 225 31.22 -36.96 -31.30
CA LEU D 225 30.08 -36.22 -31.83
C LEU D 225 29.04 -35.95 -30.74
N TRP D 226 28.83 -36.92 -29.84
CA TRP D 226 27.84 -36.77 -28.79
C TRP D 226 28.24 -35.68 -27.79
N THR D 227 29.51 -35.66 -27.38
CA THR D 227 29.96 -34.62 -26.48
C THR D 227 29.91 -33.26 -27.16
N ALA D 228 30.23 -33.20 -28.46
CA ALA D 228 30.10 -31.95 -29.19
C ALA D 228 28.66 -31.46 -29.20
N PHE D 229 27.71 -32.37 -29.46
CA PHE D 229 26.30 -32.00 -29.48
C PHE D 229 25.82 -31.55 -28.10
N PHE D 230 26.27 -32.25 -27.05
CA PHE D 230 25.87 -31.87 -25.69
C PHE D 230 26.40 -30.49 -25.34
N SER D 231 27.65 -30.20 -25.69
CA SER D 231 28.21 -28.88 -25.45
C SER D 231 27.48 -27.81 -26.25
N VAL D 232 27.10 -28.15 -27.49
CA VAL D 232 26.34 -27.22 -28.31
C VAL D 232 25.00 -26.90 -27.67
N ASN D 233 24.30 -27.92 -27.16
CA ASN D 233 23.01 -27.68 -26.50
C ASN D 233 23.19 -26.88 -25.21
N PHE D 234 24.25 -27.16 -24.45
CA PHE D 234 24.54 -26.40 -23.24
C PHE D 234 24.75 -24.92 -23.55
N GLY D 235 25.62 -24.64 -24.53
CA GLY D 235 25.84 -23.27 -24.96
C GLY D 235 24.60 -22.63 -25.52
N GLY D 236 23.76 -23.40 -26.22
CA GLY D 236 22.53 -22.83 -26.75
C GLY D 236 21.55 -22.46 -25.66
N LEU D 237 21.43 -23.28 -24.62
CA LEU D 237 20.60 -22.92 -23.48
C LEU D 237 21.11 -21.62 -22.85
N LEU D 238 22.43 -21.52 -22.67
CA LEU D 238 22.95 -20.29 -22.07
C LEU D 238 22.80 -19.09 -23.00
N LEU D 239 22.84 -19.33 -24.31
CA LEU D 239 22.69 -18.25 -25.28
C LEU D 239 21.26 -17.75 -25.32
N VAL D 240 20.29 -18.65 -25.33
CA VAL D 240 18.88 -18.24 -25.30
C VAL D 240 18.60 -17.51 -24.00
N ALA D 241 19.15 -17.98 -22.88
CA ALA D 241 18.91 -17.33 -21.59
C ALA D 241 19.55 -15.95 -21.53
N ASN D 242 20.69 -15.74 -22.18
CA ASN D 242 21.44 -14.50 -22.00
C ASN D 242 21.32 -13.49 -23.15
N SER D 243 20.77 -13.87 -24.30
CA SER D 243 20.83 -12.97 -25.46
C SER D 243 20.00 -11.70 -25.27
N VAL D 244 18.69 -11.85 -25.16
CA VAL D 244 17.78 -10.71 -25.05
C VAL D 244 18.01 -9.96 -23.74
N PRO D 245 18.17 -10.64 -22.59
CA PRO D 245 18.47 -9.89 -21.36
C PRO D 245 19.72 -9.04 -21.44
N TYR D 246 20.74 -9.44 -22.21
CA TYR D 246 21.89 -8.57 -22.40
C TYR D 246 21.48 -7.28 -23.12
N GLY D 247 20.64 -7.41 -24.15
CA GLY D 247 20.14 -6.22 -24.82
C GLY D 247 19.33 -5.32 -23.91
N ARG D 248 18.58 -5.92 -22.98
CA ARG D 248 17.85 -5.11 -22.00
C ARG D 248 18.82 -4.44 -21.03
N SER D 249 19.91 -5.13 -20.68
CA SER D 249 20.91 -4.54 -19.80
C SER D 249 21.65 -3.40 -20.49
N LEU D 250 21.78 -3.46 -21.81
CA LEU D 250 22.37 -2.33 -22.54
C LEU D 250 21.48 -1.09 -22.48
N GLY D 251 20.17 -1.29 -22.35
CA GLY D 251 19.24 -0.19 -22.35
C GLY D 251 18.47 0.02 -23.64
N LEU D 252 18.44 -0.98 -24.52
CA LEU D 252 17.76 -0.83 -25.80
C LEU D 252 16.25 -0.74 -25.59
N ALA D 253 15.58 -0.17 -26.59
CA ALA D 253 14.14 0.01 -26.53
C ALA D 253 13.43 -1.35 -26.53
N ALA D 254 12.19 -1.35 -26.04
CA ALA D 254 11.43 -2.59 -25.93
C ALA D 254 11.07 -3.14 -27.31
N GLY D 255 10.75 -2.25 -28.26
CA GLY D 255 10.53 -2.71 -29.62
C GLY D 255 11.76 -3.37 -30.21
N VAL D 256 12.95 -2.85 -29.88
CA VAL D 256 14.18 -3.49 -30.30
C VAL D 256 14.29 -4.88 -29.70
N LEU D 257 13.85 -5.06 -28.46
CA LEU D 257 13.92 -6.36 -27.82
C LEU D 257 12.94 -7.36 -28.45
N THR D 258 11.74 -6.90 -28.80
CA THR D 258 10.80 -7.77 -29.51
C THR D 258 11.34 -8.17 -30.87
N ILE D 259 11.91 -7.20 -31.60
CA ILE D 259 12.54 -7.50 -32.88
C ILE D 259 13.67 -8.50 -32.69
N GLY D 260 14.43 -8.36 -31.59
CA GLY D 260 15.51 -9.29 -31.32
C GLY D 260 15.02 -10.70 -31.05
N VAL D 261 13.93 -10.83 -30.28
CA VAL D 261 13.33 -12.14 -30.04
C VAL D 261 12.91 -12.77 -31.36
N SER D 262 12.21 -11.99 -32.19
CA SER D 262 11.74 -12.52 -33.47
C SER D 262 12.91 -12.89 -34.38
N ILE D 263 13.96 -12.08 -34.39
CA ILE D 263 15.14 -12.37 -35.21
C ILE D 263 15.83 -13.63 -34.73
N GLN D 264 15.99 -13.77 -33.40
CA GLN D 264 16.55 -14.99 -32.83
C GLN D 264 15.78 -16.22 -33.31
N ASN D 265 14.45 -16.20 -33.15
CA ASN D 265 13.64 -17.35 -33.53
C ASN D 265 13.76 -17.63 -35.03
N LEU D 266 13.60 -16.59 -35.85
CA LEU D 266 13.57 -16.77 -37.29
C LEU D 266 14.90 -17.30 -37.81
N PHE D 267 16.02 -16.77 -37.32
CA PHE D 267 17.31 -17.21 -37.82
C PHE D 267 17.68 -18.58 -37.28
N ASN D 268 17.40 -18.84 -35.99
CA ASN D 268 17.62 -20.18 -35.45
C ASN D 268 16.83 -21.22 -36.21
N GLY D 269 15.65 -20.86 -36.72
CA GLY D 269 14.90 -21.77 -37.56
C GLY D 269 15.45 -21.92 -38.96
N GLY D 270 15.69 -20.79 -39.64
CA GLY D 270 16.04 -20.81 -41.05
C GLY D 270 17.45 -21.26 -41.33
N CYS D 271 18.36 -21.19 -40.36
CA CYS D 271 19.74 -21.58 -40.61
C CYS D 271 19.90 -23.09 -40.79
N ARG D 272 18.94 -23.89 -40.31
CA ARG D 272 19.13 -25.34 -40.31
C ARG D 272 19.10 -25.93 -41.71
N PRO D 273 18.11 -25.63 -42.57
CA PRO D 273 18.19 -26.14 -43.95
C PRO D 273 19.38 -25.61 -44.72
N PHE D 274 19.75 -24.34 -44.48
CA PHE D 274 20.93 -23.78 -45.14
C PHE D 274 22.19 -24.56 -44.78
N TRP D 275 22.41 -24.79 -43.48
CA TRP D 275 23.60 -25.51 -43.07
C TRP D 275 23.55 -26.97 -43.51
N GLY D 276 22.36 -27.56 -43.58
CA GLY D 276 22.25 -28.90 -44.12
C GLY D 276 22.70 -28.96 -45.58
N PHE D 277 22.24 -28.00 -46.40
CA PHE D 277 22.69 -27.94 -47.78
C PHE D 277 24.19 -27.69 -47.87
N VAL D 278 24.72 -26.82 -47.01
CA VAL D 278 26.15 -26.53 -47.03
C VAL D 278 26.95 -27.79 -46.70
N SER D 279 26.50 -28.56 -45.70
CA SER D 279 27.15 -29.83 -45.39
C SER D 279 27.05 -30.80 -46.54
N ASP D 280 25.92 -30.78 -47.26
CA ASP D 280 25.80 -31.59 -48.47
C ASP D 280 26.84 -31.20 -49.50
N LYS D 281 27.13 -29.90 -49.62
CA LYS D 281 28.04 -29.44 -50.67
C LYS D 281 29.49 -29.81 -50.36
N ILE D 282 29.90 -29.77 -49.08
CA ILE D 282 31.28 -30.00 -48.69
C ILE D 282 31.44 -31.29 -47.90
N GLY D 283 30.80 -31.37 -46.74
CA GLY D 283 30.93 -32.54 -45.89
C GLY D 283 30.46 -32.22 -44.50
N ARG D 284 30.24 -33.28 -43.72
CA ARG D 284 29.75 -33.10 -42.35
C ARG D 284 30.79 -32.45 -41.46
N TYR D 285 32.01 -32.96 -41.47
CA TYR D 285 33.00 -32.51 -40.48
C TYR D 285 33.50 -31.10 -40.79
N LYS D 286 33.78 -30.81 -42.06
CA LYS D 286 34.25 -29.48 -42.44
C LYS D 286 33.19 -28.42 -42.11
N THR D 287 31.92 -28.71 -42.45
CA THR D 287 30.85 -27.76 -42.17
C THR D 287 30.66 -27.58 -40.67
N MET D 288 30.69 -28.68 -39.90
CA MET D 288 30.59 -28.56 -38.45
C MET D 288 31.71 -27.68 -37.89
N SER D 289 32.94 -27.90 -38.36
CA SER D 289 34.06 -27.10 -37.86
C SER D 289 33.88 -25.63 -38.18
N VAL D 290 33.53 -25.31 -39.43
CA VAL D 290 33.35 -23.92 -39.82
C VAL D 290 32.24 -23.26 -39.01
N VAL D 291 31.10 -23.94 -38.91
CA VAL D 291 29.94 -23.38 -38.23
C VAL D 291 30.25 -23.14 -36.76
N PHE D 292 30.84 -24.13 -36.09
CA PHE D 292 31.11 -24.00 -34.66
C PHE D 292 32.18 -22.95 -34.39
N GLY D 293 33.19 -22.84 -35.26
CA GLY D 293 34.18 -21.79 -35.08
C GLY D 293 33.61 -20.40 -35.24
N ILE D 294 32.79 -20.20 -36.28
CA ILE D 294 32.16 -18.90 -36.47
C ILE D 294 31.24 -18.58 -35.29
N ASN D 295 30.49 -19.58 -34.82
CA ASN D 295 29.60 -19.36 -33.68
C ASN D 295 30.38 -18.99 -32.43
N ALA D 296 31.50 -19.67 -32.18
CA ALA D 296 32.32 -19.35 -31.02
C ALA D 296 32.86 -17.93 -31.10
N VAL D 297 33.37 -17.53 -32.26
CA VAL D 297 33.90 -16.17 -32.40
C VAL D 297 32.79 -15.14 -32.20
N VAL D 298 31.63 -15.37 -32.80
CA VAL D 298 30.54 -14.41 -32.68
C VAL D 298 30.05 -14.32 -31.25
N LEU D 299 29.96 -15.45 -30.53
CA LEU D 299 29.54 -15.41 -29.15
C LEU D 299 30.59 -14.75 -28.26
N ALA D 300 31.87 -14.90 -28.59
CA ALA D 300 32.91 -14.23 -27.82
C ALA D 300 32.85 -12.72 -28.02
N LEU D 301 32.54 -12.27 -29.24
CA LEU D 301 32.49 -10.84 -29.51
C LEU D 301 31.10 -10.24 -29.32
N PHE D 302 30.10 -11.04 -28.94
CA PHE D 302 28.75 -10.51 -28.80
C PHE D 302 28.65 -9.40 -27.75
N PRO D 303 29.15 -9.56 -26.52
CA PRO D 303 29.04 -8.44 -25.56
C PRO D 303 29.69 -7.16 -26.05
N THR D 304 30.86 -7.27 -26.70
CA THR D 304 31.58 -6.08 -27.13
C THR D 304 30.91 -5.42 -28.33
N ILE D 305 30.55 -6.21 -29.34
CA ILE D 305 30.01 -5.63 -30.56
C ILE D 305 28.56 -5.16 -30.38
N ALA D 306 27.78 -5.88 -29.57
CA ALA D 306 26.37 -5.55 -29.41
C ALA D 306 26.14 -4.23 -28.70
N ALA D 307 27.15 -3.69 -28.01
CA ALA D 307 26.99 -2.42 -27.33
C ALA D 307 26.84 -1.25 -28.30
N LEU D 308 27.28 -1.42 -29.56
CA LEU D 308 27.30 -0.31 -30.51
C LEU D 308 25.91 0.24 -30.83
N GLY D 309 24.85 -0.50 -30.56
CA GLY D 309 23.52 0.05 -30.72
C GLY D 309 22.51 -1.02 -31.10
N ASP D 310 21.36 -0.54 -31.57
CA ASP D 310 20.29 -1.44 -31.99
C ASP D 310 20.71 -2.28 -33.19
N VAL D 311 21.33 -1.64 -34.18
CA VAL D 311 21.69 -2.33 -35.42
C VAL D 311 22.71 -3.43 -35.14
N ALA D 312 23.74 -3.10 -34.37
CA ALA D 312 24.75 -4.09 -34.02
C ALA D 312 24.15 -5.22 -33.21
N PHE D 313 23.24 -4.89 -32.29
CA PHE D 313 22.58 -5.91 -31.49
C PHE D 313 21.80 -6.89 -32.36
N ILE D 314 21.01 -6.37 -33.30
CA ILE D 314 20.21 -7.23 -34.15
C ILE D 314 21.11 -8.07 -35.06
N ALA D 315 22.15 -7.46 -35.63
CA ALA D 315 23.05 -8.20 -36.51
C ALA D 315 23.76 -9.31 -35.76
N MET D 316 24.25 -9.02 -34.55
CA MET D 316 24.93 -10.03 -33.76
C MET D 316 23.98 -11.15 -33.34
N LEU D 317 22.75 -10.81 -32.96
CA LEU D 317 21.77 -11.85 -32.63
C LEU D 317 21.52 -12.75 -33.83
N ALA D 318 21.29 -12.15 -34.99
CA ALA D 318 21.00 -12.93 -36.19
C ALA D 318 22.17 -13.86 -36.52
N ILE D 319 23.39 -13.32 -36.54
CA ILE D 319 24.55 -14.12 -36.92
C ILE D 319 24.81 -15.22 -35.90
N ALA D 320 24.71 -14.89 -34.60
CA ALA D 320 24.99 -15.87 -33.56
C ALA D 320 24.00 -17.03 -33.60
N PHE D 321 22.71 -16.72 -33.72
CA PHE D 321 21.73 -17.80 -33.73
C PHE D 321 21.75 -18.56 -35.04
N PHE D 322 22.07 -17.88 -36.14
CA PHE D 322 22.25 -18.55 -37.42
C PHE D 322 23.39 -19.56 -37.35
N THR D 323 24.51 -19.18 -36.73
CA THR D 323 25.64 -20.08 -36.60
C THR D 323 25.45 -21.12 -35.50
N TRP D 324 24.51 -20.92 -34.58
CA TRP D 324 24.30 -21.93 -33.55
C TRP D 324 23.29 -23.00 -33.96
N GLY D 325 22.24 -22.62 -34.71
CA GLY D 325 21.14 -23.56 -34.95
C GLY D 325 21.47 -24.72 -35.85
N GLY D 326 22.54 -24.63 -36.65
CA GLY D 326 22.82 -25.61 -37.68
C GLY D 326 23.16 -27.00 -37.17
N SER D 327 23.47 -27.16 -35.88
CA SER D 327 23.87 -28.46 -35.37
C SER D 327 22.73 -29.48 -35.48
N TYR D 328 21.49 -29.04 -35.27
CA TYR D 328 20.35 -29.94 -35.32
C TYR D 328 20.10 -30.48 -36.73
N ALA D 329 20.77 -29.94 -37.74
CA ALA D 329 20.77 -30.51 -39.08
C ALA D 329 22.07 -31.21 -39.42
N LEU D 330 23.18 -30.76 -38.85
CA LEU D 330 24.47 -31.37 -39.16
C LEU D 330 24.61 -32.74 -38.50
N PHE D 331 24.11 -32.90 -37.28
CA PHE D 331 24.29 -34.14 -36.53
C PHE D 331 23.43 -35.30 -37.04
N PRO D 332 22.15 -35.11 -37.39
CA PRO D 332 21.37 -36.27 -37.89
C PRO D 332 21.92 -36.84 -39.19
N SER D 333 22.24 -35.97 -40.15
CA SER D 333 22.79 -36.44 -41.41
C SER D 333 24.15 -37.11 -41.21
N THR D 334 24.98 -36.54 -40.32
CA THR D 334 26.26 -37.16 -40.01
C THR D 334 26.06 -38.55 -39.41
N ASN D 335 25.09 -38.69 -38.50
CA ASN D 335 24.82 -39.98 -37.90
C ASN D 335 24.36 -40.99 -38.94
N SER D 336 23.48 -40.56 -39.86
CA SER D 336 23.00 -41.46 -40.91
C SER D 336 24.14 -41.86 -41.85
N ASP D 337 25.06 -40.94 -42.12
CA ASP D 337 26.17 -41.25 -43.02
C ASP D 337 27.18 -42.17 -42.35
N ILE D 338 27.38 -42.02 -41.05
CA ILE D 338 28.47 -42.67 -40.35
C ILE D 338 28.08 -44.05 -39.84
N PHE D 339 26.92 -44.17 -39.18
CA PHE D 339 26.55 -45.40 -38.50
C PHE D 339 25.47 -46.20 -39.24
N GLY D 340 25.36 -46.03 -40.55
CA GLY D 340 24.46 -46.89 -41.31
C GLY D 340 23.02 -46.39 -41.32
N THR D 341 22.32 -46.73 -42.42
CA THR D 341 20.94 -46.33 -42.60
C THR D 341 19.95 -47.25 -41.89
N ALA D 342 20.27 -48.55 -41.80
CA ALA D 342 19.29 -49.52 -41.31
C ALA D 342 18.87 -49.23 -39.88
N TYR D 343 19.84 -48.97 -39.00
CA TYR D 343 19.57 -48.73 -37.59
C TYR D 343 19.59 -47.25 -37.21
N SER D 344 19.39 -46.36 -38.19
CA SER D 344 19.58 -44.93 -37.96
C SER D 344 18.58 -44.38 -36.93
N ALA D 345 17.40 -44.97 -36.82
CA ALA D 345 16.37 -44.42 -35.94
C ALA D 345 16.81 -44.43 -34.48
N ARG D 346 17.46 -45.51 -34.04
CA ARG D 346 17.94 -45.59 -32.66
C ARG D 346 19.15 -44.69 -32.44
N ASN D 347 20.05 -44.64 -33.43
CA ASN D 347 21.29 -43.91 -33.28
C ASN D 347 21.06 -42.42 -33.05
N TYR D 348 20.12 -41.82 -33.80
CA TYR D 348 19.86 -40.43 -33.52
C TYR D 348 19.13 -40.21 -32.21
N GLY D 349 18.42 -41.22 -31.69
CA GLY D 349 17.90 -41.11 -30.33
C GLY D 349 19.01 -41.07 -29.30
N PHE D 350 20.02 -41.91 -29.48
CA PHE D 350 21.19 -41.84 -28.60
C PHE D 350 21.91 -40.50 -28.73
N PHE D 351 21.92 -39.91 -29.93
CA PHE D 351 22.45 -38.56 -30.07
C PHE D 351 21.54 -37.52 -29.40
N TRP D 352 20.23 -37.75 -29.46
CA TRP D 352 19.23 -36.88 -28.85
C TRP D 352 19.35 -36.88 -27.33
N ALA D 353 19.91 -37.95 -26.77
CA ALA D 353 20.16 -38.00 -25.34
C ALA D 353 21.00 -36.80 -24.89
N ALA D 354 21.86 -36.27 -25.76
CA ALA D 354 22.66 -35.11 -25.40
C ALA D 354 21.79 -33.87 -25.18
N LYS D 355 20.86 -33.61 -26.11
CA LYS D 355 19.96 -32.47 -25.94
C LYS D 355 19.04 -32.68 -24.74
N ALA D 356 18.63 -33.93 -24.49
CA ALA D 356 17.82 -34.21 -23.32
C ALA D 356 18.60 -33.94 -22.03
N THR D 357 19.88 -34.34 -21.99
CA THR D 357 20.70 -34.14 -20.80
C THR D 357 20.99 -32.67 -20.56
N ALA D 358 21.18 -31.89 -21.63
CA ALA D 358 21.51 -30.48 -21.47
C ALA D 358 20.43 -29.72 -20.70
N SER D 359 19.17 -30.13 -20.85
CA SER D 359 18.06 -29.44 -20.19
C SER D 359 18.07 -29.62 -18.68
N ILE D 360 18.89 -30.53 -18.14
CA ILE D 360 18.95 -30.71 -16.70
C ILE D 360 19.48 -29.46 -16.01
N PHE D 361 20.49 -28.81 -16.62
CA PHE D 361 21.17 -27.69 -16.00
C PHE D 361 20.69 -26.34 -16.49
N GLY D 362 20.10 -26.26 -17.69
CA GLY D 362 19.76 -25.00 -18.32
C GLY D 362 18.63 -24.22 -17.68
N GLY D 363 18.09 -24.69 -16.56
CA GLY D 363 16.97 -24.01 -15.91
C GLY D 363 17.22 -22.55 -15.61
N GLY D 364 18.13 -22.27 -14.69
CA GLY D 364 18.49 -20.90 -14.36
C GLY D 364 19.97 -20.62 -14.49
N LEU D 365 20.69 -21.51 -15.20
CA LEU D 365 22.14 -21.42 -15.25
C LEU D 365 22.58 -20.16 -16.00
N GLY D 366 21.92 -19.83 -17.10
CA GLY D 366 22.32 -18.64 -17.85
C GLY D 366 22.19 -17.37 -17.04
N ALA D 367 21.03 -17.19 -16.40
CA ALA D 367 20.81 -16.01 -15.56
C ALA D 367 21.75 -15.99 -14.38
N ALA D 368 22.00 -17.15 -13.77
CA ALA D 368 22.91 -17.23 -12.64
C ALA D 368 24.32 -16.80 -13.04
N ILE D 369 24.84 -17.38 -14.13
CA ILE D 369 26.18 -17.03 -14.59
C ILE D 369 26.25 -15.55 -14.94
N ALA D 370 25.24 -15.03 -15.64
CA ALA D 370 25.23 -13.62 -15.99
C ALA D 370 25.30 -12.74 -14.74
N THR D 371 24.29 -12.85 -13.87
CA THR D 371 24.21 -11.99 -12.71
C THR D 371 25.37 -12.19 -11.74
N ASN D 372 26.06 -13.34 -11.79
CA ASN D 372 27.17 -13.56 -10.87
C ASN D 372 28.50 -13.05 -11.42
N PHE D 373 28.84 -13.39 -12.67
CA PHE D 373 30.18 -13.13 -13.18
C PHE D 373 30.21 -12.23 -14.41
N GLY D 374 29.13 -11.54 -14.74
CA GLY D 374 29.25 -10.61 -15.85
C GLY D 374 28.78 -11.20 -17.16
N TRP D 375 28.23 -10.34 -18.01
CA TRP D 375 27.79 -10.76 -19.34
C TRP D 375 28.96 -11.25 -20.17
N ASN D 376 30.12 -10.59 -20.02
CA ASN D 376 31.30 -10.99 -20.79
C ASN D 376 31.70 -12.41 -20.46
N THR D 377 31.71 -12.76 -19.16
CA THR D 377 32.08 -14.11 -18.77
C THR D 377 31.02 -15.13 -19.18
N ALA D 378 29.73 -14.75 -19.11
CA ALA D 378 28.68 -15.66 -19.54
C ALA D 378 28.82 -16.00 -21.02
N PHE D 379 28.94 -14.98 -21.86
CA PHE D 379 29.08 -15.24 -23.28
C PHE D 379 30.44 -15.85 -23.63
N LEU D 380 31.46 -15.62 -22.81
CA LEU D 380 32.72 -16.34 -23.00
C LEU D 380 32.54 -17.83 -22.71
N ILE D 381 31.73 -18.18 -21.71
CA ILE D 381 31.44 -19.59 -21.46
C ILE D 381 30.68 -20.21 -22.63
N THR D 382 29.70 -19.47 -23.16
CA THR D 382 28.99 -19.98 -24.34
C THR D 382 29.94 -20.15 -25.53
N ALA D 383 30.81 -19.19 -25.74
CA ALA D 383 31.81 -19.29 -26.81
C ALA D 383 32.77 -20.44 -26.56
N ILE D 384 33.06 -20.75 -25.30
CA ILE D 384 33.94 -21.87 -24.98
C ILE D 384 33.25 -23.20 -25.30
N THR D 385 31.95 -23.28 -25.06
CA THR D 385 31.21 -24.47 -25.48
C THR D 385 31.26 -24.63 -26.99
N SER D 386 30.98 -23.55 -27.72
CA SER D 386 31.04 -23.60 -29.17
C SER D 386 32.45 -23.91 -29.67
N PHE D 387 33.47 -23.45 -28.94
CA PHE D 387 34.85 -23.70 -29.33
C PHE D 387 35.28 -25.12 -29.03
N ILE D 388 34.75 -25.73 -27.96
CA ILE D 388 34.95 -27.15 -27.72
C ILE D 388 34.37 -27.95 -28.88
N ALA D 389 33.16 -27.60 -29.30
CA ALA D 389 32.56 -28.27 -30.45
C ALA D 389 33.42 -28.07 -31.70
N PHE D 390 33.92 -26.85 -31.90
CA PHE D 390 34.76 -26.56 -33.07
C PHE D 390 36.04 -27.38 -33.04
N ALA D 391 36.70 -27.45 -31.88
CA ALA D 391 37.96 -28.19 -31.79
C ALA D 391 37.73 -29.68 -32.01
N LEU D 392 36.63 -30.22 -31.48
CA LEU D 392 36.31 -31.62 -31.73
C LEU D 392 36.05 -31.86 -33.20
N ALA D 393 35.35 -30.94 -33.86
CA ALA D 393 35.02 -31.12 -35.28
C ALA D 393 36.27 -31.00 -36.16
N THR D 394 37.21 -30.12 -35.78
CA THR D 394 38.35 -29.82 -36.63
C THR D 394 39.51 -30.80 -36.41
N PHE D 395 39.89 -31.02 -35.14
CA PHE D 395 41.12 -31.73 -34.84
C PHE D 395 40.91 -33.18 -34.44
N VAL D 396 39.81 -33.50 -33.76
CA VAL D 396 39.63 -34.82 -33.16
C VAL D 396 38.97 -35.77 -34.15
N ILE D 397 37.76 -35.44 -34.59
CA ILE D 397 36.93 -36.39 -35.35
C ILE D 397 37.46 -36.68 -36.75
N PRO D 398 38.07 -35.74 -37.49
CA PRO D 398 38.50 -36.10 -38.85
C PRO D 398 39.63 -37.10 -38.89
N ARG D 399 40.49 -37.13 -37.86
CA ARG D 399 41.62 -38.05 -37.86
C ARG D 399 41.21 -39.48 -37.57
N MET D 400 40.02 -39.70 -37.01
CA MET D 400 39.60 -41.04 -36.65
C MET D 400 39.15 -41.84 -37.87
N GLY D 401 38.54 -41.19 -38.85
CA GLY D 401 38.06 -41.90 -40.02
C GLY D 401 36.75 -42.63 -39.76
N ARG D 402 36.60 -43.78 -40.42
CA ARG D 402 35.36 -44.54 -40.37
C ARG D 402 35.27 -45.37 -39.09
N PRO D 403 34.06 -45.62 -38.60
CA PRO D 403 33.89 -46.47 -37.43
C PRO D 403 34.37 -47.90 -37.70
N VAL D 404 34.79 -48.58 -36.63
CA VAL D 404 35.51 -49.84 -36.77
C VAL D 404 34.64 -51.07 -36.54
N LYS D 405 33.47 -50.92 -35.91
CA LYS D 405 32.53 -52.04 -35.69
C LYS D 405 33.17 -53.16 -34.86
N LYS D 406 33.56 -52.82 -33.64
CA LYS D 406 34.18 -53.78 -32.74
C LYS D 406 33.16 -54.53 -31.88
N MET D 407 33.59 -55.68 -31.37
CA MET D 407 32.84 -56.48 -30.40
C MET D 407 31.45 -56.85 -30.91
N VAL D 408 31.37 -57.21 -32.18
CA VAL D 408 30.10 -57.56 -32.80
C VAL D 408 29.56 -58.85 -32.22
N LYS D 409 28.26 -58.89 -31.95
CA LYS D 409 27.56 -60.06 -31.44
C LYS D 409 26.42 -60.42 -32.37
N LEU D 410 26.10 -61.72 -32.43
CA LEU D 410 24.97 -62.17 -33.22
C LEU D 410 23.67 -61.74 -32.57
N SER D 411 22.74 -61.24 -33.39
CA SER D 411 21.50 -60.66 -32.88
C SER D 411 20.50 -61.75 -32.45
N PRO D 412 20.22 -62.78 -33.27
CA PRO D 412 19.25 -63.76 -32.79
C PRO D 412 19.75 -64.57 -31.59
N LEU E 1 13.09 -6.45 1.59
CA LEU E 1 12.11 -6.91 0.61
C LEU E 1 11.47 -5.74 -0.12
N GLU E 2 10.76 -4.90 0.63
CA GLU E 2 10.07 -3.76 0.02
C GLU E 2 11.06 -2.80 -0.61
N VAL E 3 10.69 -2.25 -1.75
CA VAL E 3 11.52 -1.30 -2.48
C VAL E 3 11.18 0.11 -2.02
N MET E 4 12.21 0.88 -1.66
CA MET E 4 12.04 2.25 -1.21
C MET E 4 12.90 3.17 -2.06
N LEU E 5 12.32 4.30 -2.46
CA LEU E 5 13.03 5.32 -3.23
C LEU E 5 12.76 6.67 -2.59
N VAL E 6 13.82 7.31 -2.11
CA VAL E 6 13.73 8.59 -1.42
C VAL E 6 14.51 9.61 -2.24
N GLU E 7 13.80 10.57 -2.83
CA GLU E 7 14.44 11.64 -3.56
C GLU E 7 14.84 12.75 -2.61
N SER E 8 15.97 13.40 -2.92
CA SER E 8 16.46 14.51 -2.11
C SER E 8 17.32 15.41 -2.98
N GLY E 9 17.65 16.57 -2.45
CA GLY E 9 18.45 17.54 -3.16
C GLY E 9 17.68 18.54 -3.97
N GLY E 10 16.36 18.47 -3.99
CA GLY E 10 15.57 19.47 -4.68
C GLY E 10 15.65 20.82 -4.00
N GLY E 11 15.50 21.87 -4.80
CA GLY E 11 15.63 23.21 -4.27
C GLY E 11 15.04 24.23 -5.22
N LEU E 12 15.17 25.50 -4.82
CA LEU E 12 14.76 26.63 -5.63
C LEU E 12 16.01 27.46 -5.95
N VAL E 13 16.42 27.42 -7.23
CA VAL E 13 17.65 28.08 -7.66
C VAL E 13 17.34 28.87 -8.92
N LYS E 14 18.03 30.00 -9.09
CA LYS E 14 17.79 30.87 -10.22
C LYS E 14 18.42 30.32 -11.50
N PRO E 15 17.83 30.63 -12.67
CA PRO E 15 18.23 29.97 -13.91
C PRO E 15 19.68 30.21 -14.30
N GLY E 16 20.15 29.38 -15.22
CA GLY E 16 21.52 29.41 -15.69
C GLY E 16 22.52 28.81 -14.73
N GLY E 17 22.07 28.07 -13.73
CA GLY E 17 22.95 27.55 -12.70
C GLY E 17 22.97 26.04 -12.62
N SER E 18 23.62 25.51 -11.60
CA SER E 18 23.75 24.07 -11.41
C SER E 18 22.89 23.60 -10.24
N LEU E 19 22.68 22.29 -10.20
CA LEU E 19 21.97 21.62 -9.11
C LEU E 19 22.22 20.12 -9.25
N LYS E 20 22.10 19.42 -8.14
CA LYS E 20 22.34 17.98 -8.11
C LYS E 20 21.27 17.30 -7.27
N LEU E 21 20.46 16.45 -7.91
CA LEU E 21 19.44 15.69 -7.22
C LEU E 21 19.94 14.27 -6.94
N SER E 22 19.69 13.79 -5.73
CA SER E 22 20.09 12.46 -5.30
C SER E 22 18.86 11.61 -5.07
N CYS E 23 18.96 10.33 -5.39
CA CYS E 23 17.89 9.36 -5.18
C CYS E 23 18.45 8.19 -4.38
N ALA E 24 18.08 8.12 -3.11
CA ALA E 24 18.50 7.01 -2.27
C ALA E 24 17.60 5.81 -2.54
N ALA E 25 18.20 4.69 -2.93
CA ALA E 25 17.47 3.48 -3.27
C ALA E 25 17.67 2.41 -2.20
N SER E 26 16.64 1.60 -2.00
CA SER E 26 16.68 0.54 -1.01
C SER E 26 15.84 -0.63 -1.51
N GLY E 27 16.33 -1.85 -1.27
CA GLY E 27 15.62 -3.05 -1.64
C GLY E 27 16.03 -3.65 -2.97
N PHE E 28 16.94 -3.00 -3.71
CA PHE E 28 17.39 -3.54 -4.99
C PHE E 28 18.77 -3.00 -5.29
N THR E 29 19.53 -3.77 -6.08
CA THR E 29 20.87 -3.37 -6.49
C THR E 29 20.82 -2.59 -7.80
N PHE E 30 21.71 -1.61 -7.92
CA PHE E 30 21.78 -0.79 -9.13
C PHE E 30 22.32 -1.57 -10.33
N SER E 31 22.84 -2.78 -10.13
CA SER E 31 23.46 -3.52 -11.21
C SER E 31 22.43 -4.07 -12.18
N ASN E 32 21.51 -4.90 -11.68
CA ASN E 32 20.57 -5.62 -12.53
C ASN E 32 19.30 -4.83 -12.84
N TYR E 33 19.23 -3.56 -12.42
CA TYR E 33 18.07 -2.73 -12.68
C TYR E 33 18.51 -1.42 -13.31
N ALA E 34 17.59 -0.80 -14.03
CA ALA E 34 17.81 0.51 -14.64
C ALA E 34 17.04 1.57 -13.86
N MET E 35 17.57 2.79 -13.89
CA MET E 35 17.00 3.90 -13.14
C MET E 35 16.73 5.06 -14.08
N SER E 36 15.72 5.86 -13.73
CA SER E 36 15.28 6.96 -14.57
C SER E 36 14.87 8.14 -13.72
N TRP E 37 15.13 9.34 -14.24
CA TRP E 37 14.61 10.58 -13.67
C TRP E 37 13.51 11.10 -14.59
N VAL E 38 12.33 11.34 -14.00
CA VAL E 38 11.19 11.87 -14.73
C VAL E 38 10.63 13.05 -13.96
N ARG E 39 10.44 14.17 -14.63
CA ARG E 39 9.94 15.38 -14.00
C ARG E 39 8.49 15.64 -14.40
N GLN E 40 7.75 16.26 -13.50
CA GLN E 40 6.38 16.67 -13.77
C GLN E 40 6.24 18.16 -13.56
N THR E 41 5.73 18.85 -14.57
CA THR E 41 5.53 20.28 -14.50
C THR E 41 4.38 20.60 -13.54
N PRO E 42 4.31 21.82 -13.03
CA PRO E 42 3.16 22.20 -12.18
C PRO E 42 1.83 22.13 -12.91
N GLU E 43 1.84 22.03 -14.23
CA GLU E 43 0.63 21.85 -15.03
C GLU E 43 0.25 20.39 -15.22
N LYS E 44 0.69 19.50 -14.32
CA LYS E 44 0.30 18.09 -14.34
C LYS E 44 0.69 17.41 -15.66
N ARG E 45 1.85 17.78 -16.20
CA ARG E 45 2.40 17.18 -17.40
C ARG E 45 3.66 16.40 -17.03
N LEU E 46 3.77 15.17 -17.51
CA LEU E 46 4.89 14.29 -17.20
C LEU E 46 5.90 14.33 -18.35
N GLU E 47 7.17 14.51 -18.01
CA GLU E 47 8.26 14.54 -18.98
C GLU E 47 9.39 13.66 -18.49
N TRP E 48 9.71 12.61 -19.24
CA TRP E 48 10.87 11.77 -18.92
C TRP E 48 12.15 12.55 -19.18
N VAL E 49 13.06 12.55 -18.21
CA VAL E 49 14.23 13.41 -18.20
C VAL E 49 15.51 12.64 -18.53
N ALA E 50 15.70 11.48 -17.91
CA ALA E 50 16.93 10.72 -18.14
C ALA E 50 16.69 9.27 -17.76
N LEU E 51 17.54 8.39 -18.30
CA LEU E 51 17.47 6.96 -18.01
C LEU E 51 18.86 6.36 -18.15
N ILE E 52 19.38 5.81 -17.05
CA ILE E 52 20.64 5.08 -17.04
C ILE E 52 20.32 3.59 -16.92
N SER E 53 21.03 2.78 -17.71
CA SER E 53 20.68 1.38 -17.85
C SER E 53 21.46 0.52 -16.86
N SER E 54 21.32 -0.80 -16.97
CA SER E 54 22.03 -1.72 -16.09
C SER E 54 23.54 -1.61 -16.29
N GLY E 55 23.99 -1.57 -17.54
CA GLY E 55 25.40 -1.49 -17.84
C GLY E 55 26.04 -0.14 -17.65
N GLY E 56 25.23 0.91 -17.47
CA GLY E 56 25.73 2.26 -17.32
C GLY E 56 25.48 3.18 -18.49
N TYR E 57 24.86 2.68 -19.57
CA TYR E 57 24.58 3.50 -20.73
C TYR E 57 23.40 4.42 -20.45
N THR E 58 23.54 5.68 -20.86
CA THR E 58 22.58 6.72 -20.53
C THR E 58 21.86 7.21 -21.77
N TYR E 59 20.57 7.53 -21.61
CA TYR E 59 19.74 8.05 -22.69
C TYR E 59 19.05 9.32 -22.21
N TYR E 60 19.03 10.33 -23.07
CA TYR E 60 18.40 11.60 -22.74
C TYR E 60 17.48 12.05 -23.87
N PRO E 61 16.38 12.72 -23.52
CA PRO E 61 15.54 13.37 -24.55
C PRO E 61 16.24 14.58 -25.14
N ASP E 62 15.79 14.94 -26.35
CA ASP E 62 16.39 16.06 -27.05
C ASP E 62 16.24 17.37 -26.27
N SER E 63 15.20 17.47 -25.44
CA SER E 63 14.95 18.69 -24.68
C SER E 63 16.03 18.94 -23.63
N VAL E 64 16.49 17.89 -22.96
CA VAL E 64 17.42 18.03 -21.84
C VAL E 64 18.76 17.34 -22.13
N LYS E 65 19.04 17.01 -23.39
CA LYS E 65 20.31 16.39 -23.72
C LYS E 65 21.43 17.43 -23.65
N GLY E 66 22.59 16.99 -23.22
CA GLY E 66 23.74 17.89 -23.07
C GLY E 66 23.76 18.67 -21.78
N ARG E 67 22.63 19.26 -21.41
CA ARG E 67 22.56 20.00 -20.14
C ARG E 67 22.65 19.07 -18.95
N PHE E 68 21.85 18.01 -18.95
CA PHE E 68 21.70 17.13 -17.81
C PHE E 68 22.63 15.92 -17.94
N THR E 69 23.07 15.42 -16.79
CA THR E 69 23.93 14.24 -16.74
C THR E 69 23.41 13.32 -15.65
N ILE E 70 23.02 12.10 -16.03
CA ILE E 70 22.56 11.09 -15.08
C ILE E 70 23.71 10.13 -14.81
N SER E 71 23.91 9.79 -13.54
CA SER E 71 24.96 8.88 -13.13
C SER E 71 24.46 8.09 -11.93
N ARG E 72 25.30 7.17 -11.45
CA ARG E 72 24.93 6.34 -10.32
C ARG E 72 26.16 5.98 -9.52
N ASP E 73 25.93 5.57 -8.27
CA ASP E 73 26.97 5.09 -7.36
C ASP E 73 26.51 3.73 -6.84
N LYS E 74 27.10 2.65 -7.37
CA LYS E 74 26.70 1.32 -6.92
C LYS E 74 27.14 1.06 -5.49
N ALA E 75 28.25 1.67 -5.06
CA ALA E 75 28.74 1.42 -3.71
C ALA E 75 27.74 1.89 -2.66
N ARG E 76 27.08 3.02 -2.90
CA ARG E 76 26.10 3.57 -1.97
C ARG E 76 24.68 3.54 -2.52
N ASN E 77 24.47 3.02 -3.73
CA ASN E 77 23.15 2.90 -4.34
C ASN E 77 22.42 4.24 -4.37
N ILE E 78 23.09 5.23 -4.97
CA ILE E 78 22.55 6.58 -5.09
C ILE E 78 22.51 6.94 -6.57
N LEU E 79 21.35 7.42 -7.03
CA LEU E 79 21.17 7.88 -8.40
C LEU E 79 21.35 9.40 -8.42
N HIS E 80 22.30 9.87 -9.22
CA HIS E 80 22.67 11.27 -9.29
C HIS E 80 22.15 11.91 -10.57
N LEU E 81 21.58 13.10 -10.46
CA LEU E 81 21.14 13.89 -11.61
C LEU E 81 21.79 15.27 -11.51
N GLN E 82 22.82 15.51 -12.33
CA GLN E 82 23.48 16.81 -12.38
C GLN E 82 22.81 17.69 -13.42
N MET E 83 22.42 18.89 -13.01
CA MET E 83 21.75 19.84 -13.88
C MET E 83 22.62 21.06 -14.11
N SER E 84 22.68 21.53 -15.35
CA SER E 84 23.38 22.77 -15.68
C SER E 84 22.62 23.45 -16.81
N SER E 85 22.85 24.77 -16.92
CA SER E 85 22.16 25.61 -17.90
C SER E 85 20.64 25.48 -17.78
N LEU E 86 20.13 25.71 -16.57
CA LEU E 86 18.72 25.55 -16.30
C LEU E 86 17.90 26.62 -17.01
N ARG E 87 16.79 26.21 -17.62
CA ARG E 87 15.88 27.09 -18.34
C ARG E 87 14.53 27.10 -17.65
N SER E 88 13.67 28.03 -18.09
CA SER E 88 12.34 28.15 -17.52
C SER E 88 11.49 26.90 -17.75
N GLU E 89 11.84 26.10 -18.76
CA GLU E 89 11.11 24.86 -19.00
C GLU E 89 11.44 23.78 -17.97
N ASP E 90 12.54 23.93 -17.23
CA ASP E 90 12.99 22.92 -16.29
C ASP E 90 12.26 22.97 -14.95
N THR E 91 11.43 23.99 -14.71
CA THR E 91 10.68 24.05 -13.46
C THR E 91 9.71 22.89 -13.38
N ALA E 92 9.99 21.92 -12.51
CA ALA E 92 9.19 20.72 -12.41
C ALA E 92 9.60 19.95 -11.16
N MET E 93 8.82 18.91 -10.85
CA MET E 93 9.11 18.01 -9.74
C MET E 93 9.68 16.72 -10.30
N TYR E 94 10.88 16.36 -9.86
CA TYR E 94 11.61 15.22 -10.40
C TYR E 94 11.40 13.99 -9.53
N PHE E 95 11.18 12.84 -10.18
CA PHE E 95 11.03 11.57 -9.51
C PHE E 95 12.05 10.59 -10.07
N CYS E 96 12.53 9.68 -9.23
CA CYS E 96 13.41 8.60 -9.67
C CYS E 96 12.61 7.30 -9.64
N ALA E 97 12.69 6.54 -10.73
CA ALA E 97 11.93 5.32 -10.88
C ALA E 97 12.83 4.19 -11.33
N ARG E 98 12.52 2.97 -10.88
CA ARG E 98 13.27 1.79 -11.24
C ARG E 98 12.66 1.16 -12.48
N GLY E 99 13.51 0.81 -13.45
CA GLY E 99 13.06 0.24 -14.69
C GLY E 99 12.82 -1.25 -14.59
N PRO E 100 12.84 -1.93 -15.73
CA PRO E 100 12.62 -3.38 -15.72
C PRO E 100 13.82 -4.12 -15.18
N TYR E 101 13.58 -5.33 -14.71
CA TYR E 101 14.67 -6.23 -14.36
C TYR E 101 15.31 -6.75 -15.64
N ASP E 102 16.62 -7.02 -15.57
CA ASP E 102 17.39 -7.35 -16.78
C ASP E 102 16.81 -8.55 -17.51
N PHE E 103 16.28 -9.53 -16.78
CA PHE E 103 15.72 -10.74 -17.39
C PHE E 103 14.20 -10.71 -17.47
N ASP E 104 13.57 -9.59 -17.14
CA ASP E 104 12.12 -9.47 -17.11
C ASP E 104 11.67 -8.33 -18.03
N ASP E 105 10.45 -8.44 -18.54
CA ASP E 105 9.85 -7.40 -19.36
C ASP E 105 8.97 -6.54 -18.48
N GLY E 106 9.11 -5.22 -18.60
CA GLY E 106 8.34 -4.29 -17.80
C GLY E 106 8.53 -2.86 -18.26
N PRO E 107 7.81 -1.93 -17.63
CA PRO E 107 7.91 -0.53 -18.03
C PRO E 107 9.16 0.10 -17.47
N PRO E 108 9.61 1.22 -18.05
CA PRO E 108 10.82 1.89 -17.53
C PRO E 108 10.64 2.48 -16.15
N PHE E 109 9.42 2.58 -15.65
CA PHE E 109 9.14 3.18 -14.34
C PHE E 109 8.26 2.22 -13.55
N GLY E 110 8.90 1.27 -12.85
CA GLY E 110 8.16 0.31 -12.06
C GLY E 110 7.66 0.89 -10.76
N ASN E 111 8.58 1.44 -9.96
CA ASN E 111 8.24 2.08 -8.70
C ASN E 111 8.76 3.51 -8.71
N TRP E 112 7.94 4.43 -8.22
CA TRP E 112 8.30 5.84 -8.17
C TRP E 112 8.50 6.28 -6.72
N GLY E 113 9.33 7.30 -6.53
CA GLY E 113 9.51 7.91 -5.24
C GLY E 113 8.54 9.06 -5.03
N GLN E 114 8.73 9.76 -3.91
CA GLN E 114 7.87 10.90 -3.59
C GLN E 114 8.16 12.09 -4.51
N GLY E 115 9.42 12.44 -4.68
CA GLY E 115 9.73 13.51 -5.61
C GLY E 115 10.21 14.78 -4.93
N THR E 116 11.09 15.50 -5.61
CA THR E 116 11.60 16.80 -5.17
C THR E 116 11.32 17.86 -6.23
N LEU E 117 11.10 19.08 -5.76
CA LEU E 117 10.71 20.20 -6.60
C LEU E 117 11.92 21.04 -6.97
N VAL E 118 12.04 21.39 -8.25
CA VAL E 118 13.09 22.25 -8.75
C VAL E 118 12.44 23.45 -9.42
N THR E 119 12.70 24.64 -8.89
CA THR E 119 12.12 25.89 -9.36
C THR E 119 13.24 26.84 -9.79
N VAL E 120 13.11 27.40 -10.99
CA VAL E 120 14.11 28.29 -11.55
C VAL E 120 13.45 29.62 -11.91
N SER E 121 13.80 30.67 -11.17
CA SER E 121 13.24 32.00 -11.35
C SER E 121 14.29 33.09 -11.16
N GLU F 1 6.45 15.11 -36.66
CA GLU F 1 7.71 15.18 -35.92
C GLU F 1 8.30 13.79 -35.69
N LEU F 2 9.57 13.76 -35.28
CA LEU F 2 10.24 12.49 -35.03
C LEU F 2 9.75 11.86 -33.73
N ASP F 3 9.47 12.67 -32.73
CA ASP F 3 9.05 12.16 -31.43
C ASP F 3 7.64 11.60 -31.51
N ILE F 4 7.41 10.50 -30.79
CA ILE F 4 6.09 9.90 -30.70
C ILE F 4 5.26 10.72 -29.72
N VAL F 5 3.97 10.86 -30.01
CA VAL F 5 3.07 11.67 -29.20
C VAL F 5 1.84 10.84 -28.86
N LEU F 6 1.55 10.73 -27.57
CA LEU F 6 0.34 10.04 -27.10
C LEU F 6 -0.70 11.09 -26.73
N THR F 7 -1.90 10.95 -27.31
CA THR F 7 -2.98 11.90 -27.10
C THR F 7 -4.12 11.18 -26.37
N GLN F 8 -4.48 11.69 -25.20
CA GLN F 8 -5.64 11.24 -24.46
C GLN F 8 -6.79 12.20 -24.77
N SER F 9 -7.87 11.66 -25.33
CA SER F 9 -8.92 12.50 -25.90
C SER F 9 -9.54 13.45 -24.87
N GLN F 10 -9.70 12.98 -23.64
CA GLN F 10 -10.42 13.72 -22.60
C GLN F 10 -9.43 14.23 -21.55
N LYS F 11 -9.33 15.55 -21.44
CA LYS F 11 -8.64 16.15 -20.30
C LYS F 11 -9.38 15.87 -18.99
N PHE F 12 -10.71 15.92 -19.02
CA PHE F 12 -11.55 15.68 -17.86
C PHE F 12 -12.63 14.67 -18.23
N MET F 13 -12.85 13.69 -17.37
CA MET F 13 -13.90 12.71 -17.62
C MET F 13 -14.70 12.50 -16.35
N SER F 14 -16.02 12.43 -16.48
CA SER F 14 -16.93 12.28 -15.35
C SER F 14 -17.62 10.92 -15.38
N THR F 15 -17.71 10.28 -14.21
CA THR F 15 -18.35 8.97 -14.08
C THR F 15 -19.03 8.89 -12.72
N SER F 16 -19.66 7.75 -12.47
CA SER F 16 -20.32 7.47 -11.20
C SER F 16 -19.80 6.16 -10.62
N VAL F 17 -20.01 6.00 -9.31
CA VAL F 17 -19.54 4.80 -8.61
C VAL F 17 -20.34 3.59 -9.09
N GLY F 18 -19.64 2.51 -9.42
CA GLY F 18 -20.27 1.29 -9.84
C GLY F 18 -20.45 1.12 -11.33
N ASP F 19 -20.11 2.13 -12.13
CA ASP F 19 -20.30 2.06 -13.57
C ASP F 19 -19.02 1.57 -14.26
N ARG F 20 -19.06 1.54 -15.58
CA ARG F 20 -17.96 1.05 -16.40
C ARG F 20 -17.35 2.22 -17.15
N VAL F 21 -16.02 2.33 -17.10
CA VAL F 21 -15.27 3.44 -17.67
C VAL F 21 -14.13 2.93 -18.56
N SER F 22 -13.78 3.74 -19.56
CA SER F 22 -12.71 3.41 -20.50
C SER F 22 -11.94 4.66 -20.85
N VAL F 23 -10.63 4.65 -20.59
CA VAL F 23 -9.73 5.72 -21.00
C VAL F 23 -9.00 5.28 -22.26
N THR F 24 -9.06 6.12 -23.30
CA THR F 24 -8.51 5.77 -24.61
C THR F 24 -7.18 6.50 -24.84
N CYS F 25 -6.25 5.80 -25.49
CA CYS F 25 -4.93 6.34 -25.79
C CYS F 25 -4.62 6.06 -27.26
N LYS F 26 -4.38 7.13 -28.03
CA LYS F 26 -4.09 7.07 -29.45
C LYS F 26 -2.68 7.59 -29.69
N ALA F 27 -1.83 6.75 -30.29
CA ALA F 27 -0.44 7.08 -30.52
C ALA F 27 -0.23 7.69 -31.91
N SER F 28 0.70 8.64 -32.00
CA SER F 28 1.03 9.20 -33.30
C SER F 28 1.77 8.21 -34.19
N GLN F 29 2.44 7.21 -33.60
CA GLN F 29 3.16 6.19 -34.34
C GLN F 29 2.83 4.82 -33.77
N ASN F 30 3.12 3.78 -34.56
CA ASN F 30 2.86 2.41 -34.12
C ASN F 30 3.85 2.02 -33.02
N VAL F 31 3.33 1.62 -31.87
CA VAL F 31 4.15 1.22 -30.73
C VAL F 31 3.88 -0.22 -30.32
N GLY F 32 3.10 -0.97 -31.10
CA GLY F 32 2.89 -2.38 -30.82
C GLY F 32 2.15 -2.57 -29.50
N THR F 33 2.76 -3.33 -28.58
CA THR F 33 2.17 -3.63 -27.29
C THR F 33 3.05 -3.15 -26.13
N ASN F 34 4.01 -2.27 -26.40
CA ASN F 34 4.90 -1.76 -25.36
C ASN F 34 4.36 -0.42 -24.85
N VAL F 35 3.27 -0.50 -24.10
CA VAL F 35 2.59 0.66 -23.54
C VAL F 35 2.16 0.33 -22.12
N ALA F 36 2.33 1.30 -21.21
CA ALA F 36 2.00 1.12 -19.80
C ALA F 36 0.98 2.17 -19.38
N TRP F 37 0.22 1.84 -18.35
CA TRP F 37 -0.79 2.71 -17.77
C TRP F 37 -0.42 2.99 -16.32
N TYR F 38 -0.38 4.28 -15.97
CA TYR F 38 -0.06 4.75 -14.62
C TYR F 38 -1.22 5.57 -14.06
N GLN F 39 -1.36 5.55 -12.74
CA GLN F 39 -2.37 6.32 -12.03
C GLN F 39 -1.68 7.25 -11.03
N GLN F 40 -1.90 8.54 -11.17
CA GLN F 40 -1.34 9.53 -10.26
C GLN F 40 -2.48 10.13 -9.45
N LYS F 41 -2.62 9.67 -8.20
CA LYS F 41 -3.57 10.29 -7.29
C LYS F 41 -3.04 11.64 -6.83
N PRO F 42 -3.93 12.60 -6.56
CA PRO F 42 -3.45 13.94 -6.19
C PRO F 42 -2.66 13.90 -4.89
N GLY F 43 -1.54 14.62 -4.87
CA GLY F 43 -0.65 14.59 -3.73
C GLY F 43 0.21 13.37 -3.63
N GLN F 44 0.18 12.48 -4.63
CA GLN F 44 0.95 11.25 -4.63
C GLN F 44 1.63 11.08 -5.97
N SER F 45 2.65 10.22 -5.99
CA SER F 45 3.36 9.91 -7.22
C SER F 45 2.52 8.97 -8.09
N PRO F 46 2.78 8.94 -9.40
CA PRO F 46 2.05 8.00 -10.25
C PRO F 46 2.33 6.57 -9.83
N LYS F 47 1.31 5.72 -9.92
CA LYS F 47 1.43 4.32 -9.57
C LYS F 47 1.23 3.46 -10.81
N ALA F 48 2.09 2.47 -10.99
CA ALA F 48 2.03 1.64 -12.18
C ALA F 48 0.82 0.71 -12.11
N LEU F 49 -0.05 0.79 -13.10
CA LEU F 49 -1.24 -0.05 -13.18
C LEU F 49 -1.08 -1.19 -14.17
N ILE F 50 -0.73 -0.88 -15.42
CA ILE F 50 -0.72 -1.86 -16.50
C ILE F 50 0.63 -1.83 -17.18
N TYR F 51 1.20 -2.99 -17.45
CA TYR F 51 2.40 -3.11 -18.26
C TYR F 51 2.13 -4.05 -19.42
N SER F 52 2.78 -3.78 -20.55
CA SER F 52 2.63 -4.51 -21.81
C SER F 52 1.22 -4.36 -22.39
N ALA F 53 0.42 -3.43 -21.87
CA ALA F 53 -0.90 -3.04 -22.35
C ALA F 53 -1.98 -4.07 -22.01
N SER F 54 -1.63 -5.22 -21.45
CA SER F 54 -2.62 -6.22 -21.06
C SER F 54 -2.41 -6.80 -19.67
N TYR F 55 -1.26 -6.57 -19.04
CA TYR F 55 -0.92 -7.20 -17.77
C TYR F 55 -0.87 -6.17 -16.65
N ARG F 56 -1.46 -6.52 -15.51
CA ARG F 56 -1.42 -5.73 -14.30
C ARG F 56 -0.36 -6.27 -13.36
N TYR F 57 0.02 -5.46 -12.38
CA TYR F 57 0.95 -5.91 -11.36
C TYR F 57 0.25 -6.85 -10.39
N SER F 58 1.01 -7.37 -9.42
CA SER F 58 0.41 -8.14 -8.35
C SER F 58 -0.48 -7.29 -7.44
N GLY F 59 -0.11 -6.02 -7.24
CA GLY F 59 -0.87 -5.15 -6.37
C GLY F 59 -2.05 -4.45 -6.99
N VAL F 60 -2.24 -4.59 -8.30
CA VAL F 60 -3.37 -3.98 -9.01
C VAL F 60 -4.60 -4.89 -8.90
N PRO F 61 -5.75 -4.36 -8.47
CA PRO F 61 -6.95 -5.19 -8.34
C PRO F 61 -7.48 -5.62 -9.69
N ASP F 62 -8.25 -6.72 -9.66
CA ASP F 62 -8.88 -7.24 -10.87
C ASP F 62 -9.93 -6.31 -11.46
N ARG F 63 -10.22 -5.20 -10.80
CA ARG F 63 -11.19 -4.23 -11.34
C ARG F 63 -10.62 -3.55 -12.58
N PHE F 64 -9.33 -3.27 -12.59
CA PHE F 64 -8.68 -2.58 -13.70
C PHE F 64 -8.22 -3.59 -14.74
N THR F 65 -8.48 -3.29 -16.01
CA THR F 65 -8.02 -4.12 -17.11
C THR F 65 -7.44 -3.23 -18.20
N GLY F 66 -6.56 -3.80 -19.00
CA GLY F 66 -5.97 -3.10 -20.12
C GLY F 66 -6.09 -3.90 -21.40
N SER F 67 -6.28 -3.20 -22.50
CA SER F 67 -6.41 -3.86 -23.79
C SER F 67 -5.92 -2.93 -24.90
N GLY F 68 -5.72 -3.50 -26.08
CA GLY F 68 -5.33 -2.74 -27.25
C GLY F 68 -3.95 -3.11 -27.72
N SER F 69 -3.59 -2.52 -28.87
CA SER F 69 -2.31 -2.74 -29.51
C SER F 69 -2.18 -1.71 -30.62
N GLY F 70 -1.06 -1.80 -31.36
CA GLY F 70 -0.84 -0.92 -32.48
C GLY F 70 -0.87 0.55 -32.10
N THR F 71 -1.95 1.22 -32.47
CA THR F 71 -2.14 2.63 -32.18
C THR F 71 -3.27 2.90 -31.19
N ASP F 72 -4.09 1.89 -30.87
CA ASP F 72 -5.27 2.08 -30.03
C ASP F 72 -5.10 1.31 -28.73
N PHE F 73 -5.20 2.00 -27.61
CA PHE F 73 -5.12 1.37 -26.30
C PHE F 73 -6.27 1.83 -25.42
N THR F 74 -6.71 0.96 -24.52
CA THR F 74 -7.83 1.26 -23.63
C THR F 74 -7.52 0.73 -22.24
N LEU F 75 -7.80 1.57 -21.24
CA LEU F 75 -7.74 1.19 -19.83
C LEU F 75 -9.17 1.18 -19.31
N THR F 76 -9.67 0.00 -18.95
CA THR F 76 -11.05 -0.17 -18.52
C THR F 76 -11.11 -0.31 -17.00
N ILE F 77 -11.88 0.57 -16.37
CA ILE F 77 -12.20 0.48 -14.95
C ILE F 77 -13.66 0.05 -14.86
N SER F 78 -13.89 -1.22 -14.55
CA SER F 78 -15.23 -1.75 -14.37
C SER F 78 -15.58 -1.77 -12.89
N ASN F 79 -16.81 -1.35 -12.57
CA ASN F 79 -17.27 -1.21 -11.18
C ASN F 79 -16.38 -0.23 -10.41
N VAL F 80 -16.38 1.02 -10.87
CA VAL F 80 -15.49 2.05 -10.34
C VAL F 80 -15.80 2.31 -8.87
N GLN F 81 -14.73 2.51 -8.09
CA GLN F 81 -14.84 2.81 -6.66
C GLN F 81 -14.48 4.25 -6.38
N SER F 82 -14.65 4.64 -5.12
CA SER F 82 -14.39 6.03 -4.70
C SER F 82 -12.92 6.38 -4.80
N GLU F 83 -12.03 5.49 -4.38
CA GLU F 83 -10.60 5.79 -4.46
C GLU F 83 -10.11 5.85 -5.90
N ASP F 84 -10.87 5.28 -6.84
CA ASP F 84 -10.41 5.18 -8.22
C ASP F 84 -10.29 6.54 -8.90
N LEU F 85 -11.13 7.50 -8.52
CA LEU F 85 -11.13 8.80 -9.18
C LEU F 85 -9.79 9.52 -9.02
N ALA F 86 -9.07 9.65 -10.13
CA ALA F 86 -7.74 10.25 -10.17
C ALA F 86 -7.37 10.43 -11.64
N GLU F 87 -6.13 10.88 -11.87
CA GLU F 87 -5.65 11.08 -13.23
C GLU F 87 -4.89 9.84 -13.70
N TYR F 88 -5.16 9.43 -14.93
CA TYR F 88 -4.58 8.24 -15.54
C TYR F 88 -3.78 8.66 -16.76
N PHE F 89 -2.56 8.13 -16.89
CA PHE F 89 -1.69 8.43 -18.00
C PHE F 89 -1.29 7.15 -18.72
N CYS F 90 -1.11 7.27 -20.03
CA CYS F 90 -0.55 6.20 -20.86
C CYS F 90 0.83 6.63 -21.32
N GLN F 91 1.80 5.73 -21.21
CA GLN F 91 3.18 6.02 -21.56
C GLN F 91 3.71 4.91 -22.46
N GLN F 92 4.37 5.28 -23.54
CA GLN F 92 4.93 4.32 -24.49
C GLN F 92 6.42 4.17 -24.26
N TYR F 93 6.89 2.92 -24.25
CA TYR F 93 8.32 2.62 -24.16
C TYR F 93 8.79 1.76 -25.33
N ASN F 94 8.05 1.76 -26.44
CA ASN F 94 8.48 1.00 -27.60
C ASN F 94 9.75 1.58 -28.21
N SER F 95 9.89 2.90 -28.19
CA SER F 95 11.05 3.56 -28.78
C SER F 95 11.27 4.90 -28.10
N TYR F 96 12.53 5.35 -28.13
CA TYR F 96 12.95 6.63 -27.56
C TYR F 96 12.54 7.78 -28.47
N PRO F 97 12.30 8.98 -27.91
CA PRO F 97 12.23 9.30 -26.48
C PRO F 97 10.95 8.78 -25.83
N LEU F 98 11.01 8.47 -24.54
CA LEU F 98 9.81 8.04 -23.82
C LEU F 98 8.89 9.22 -23.59
N THR F 99 7.62 9.07 -23.97
CA THR F 99 6.65 10.15 -23.89
C THR F 99 5.42 9.69 -23.12
N PHE F 100 4.69 10.66 -22.61
CA PHE F 100 3.49 10.42 -21.81
C PHE F 100 2.29 11.03 -22.51
N GLY F 101 1.10 10.59 -22.11
CA GLY F 101 -0.12 11.16 -22.64
C GLY F 101 -0.45 12.48 -21.97
N ALA F 102 -1.47 13.14 -22.51
CA ALA F 102 -1.91 14.41 -21.93
C ALA F 102 -2.40 14.22 -20.51
N GLY F 103 -3.22 13.19 -20.29
CA GLY F 103 -3.73 12.96 -18.95
C GLY F 103 -5.24 13.10 -18.96
N THR F 104 -5.90 12.14 -18.35
CA THR F 104 -7.35 12.15 -18.22
C THR F 104 -7.67 12.23 -16.73
N LYS F 105 -8.26 13.35 -16.32
CA LYS F 105 -8.64 13.53 -14.93
C LYS F 105 -10.07 13.04 -14.78
N LEU F 106 -10.27 12.10 -13.86
CA LEU F 106 -11.54 11.42 -13.71
C LEU F 106 -12.21 11.94 -12.44
N GLU F 107 -13.41 12.49 -12.58
CA GLU F 107 -14.16 13.09 -11.49
C GLU F 107 -15.53 12.44 -11.38
N LEU F 108 -16.22 12.74 -10.27
CA LEU F 108 -17.54 12.19 -10.04
C LEU F 108 -18.57 12.89 -10.94
N LYS F 109 -19.64 12.15 -11.24
CA LYS F 109 -20.65 12.65 -12.16
C LYS F 109 -21.25 13.96 -11.68
N THR F 110 -21.43 14.90 -12.62
CA THR F 110 -22.01 16.20 -12.32
C THR F 110 -22.63 16.79 -13.57
#